data_4FK4
#
_entry.id   4FK4
#
_cell.length_a   74.799
_cell.length_b   120.407
_cell.length_c   130.727
_cell.angle_alpha   90.00
_cell.angle_beta   90.00
_cell.angle_gamma   90.00
#
_symmetry.space_group_name_H-M   'P 21 21 21'
#
loop_
_entity.id
_entity.type
_entity.pdbx_description
1 polymer 'DNA polymerase'
2 polymer 'DNA template'
3 polymer 'DNA primer'
4 non-polymer "2'-DEOXYGUANOSINE-5'-TRIPHOSPHATE"
5 non-polymer 'CALCIUM ION'
6 water water
#
loop_
_entity_poly.entity_id
_entity_poly.type
_entity_poly.pdbx_seq_one_letter_code
_entity_poly.pdbx_strand_id
1 'polypeptide(L)'
;MKEFYLTVEQIGDSIFERYIDSNGRERTREVEYKPSLFAHCPESQATKYFDIYGKPCTRKLFANMRDASQWIKRMEDIGL
EALGMDDFKLAYLSDTYNYEIKYDHTKIRVANFDIEVTSPDGFPEPSQAKHPIDAITHYDSIDDRFYVFDLLNSPYGNVE
EWSIEIAAKLQEQGGDEVPSEIIDKIIYMPFDNEKELLMEYLNFWQQKTPVILTGWNVESFAIPYVYNRIKNIFGESTAK
RLSPHRKTRVKVIENMYGSREIITLFGISVLDYIDLYKKFSFTNQPSYSLDYISEFELNVGKLKYDGPISKLRESNHQRY
ISYNIIAVYRVLQIDAKRQFINLSLDMGYYAKIQIQSVFSPIKTWDAIIFNSLKEQNKVIPQGRSHPVQPYPGAFVKEPI
PNRYKYVMSFDLTSAYPSIIRQVNISPETIAGTFKVAPLHDYINAVAERPSDVYSCSPNGMMYYKDRDGVVPTEITKVFN
QRKEHKGYMLAAQRNGEIIKEALHNPNLSVDEPLDVDYRFDFSDEIKEKIKKLSAKSLNEMLFRAQRTEVAGMTAQINRK
ALINGLAGALGNVWFRYYDLRNATAITTFGQMALQWIERKVNEYLNEVCGTEGEAFVLYGDTDSIYVSADKIIDKVGESK
FRDTNHWVDFLDKFARERMEPAIDRGFREMCEYMNNKQHLMFMDREAIAGPPLGSKGIGGFWTGKKRYALNVWDMEGTRY
AEPKLKIMGLETQKSSTPKAVQKALKECIRRMLQEGEESLQEYFKEFEKEFRQLNYISIASVSSANNIAKYDVGGFPGPK
CPFHIRGILTYNRAIKGNIDAPQVVEGEKVYVLPLREGNPFGDKCIAWPSGTEITDLIKDDVLHWMDYTVLLEKTFIKPL
EGFTSAAKLDYEKKASLFDMFDF
;
A
2 'polydeoxyribonucleotide' (DC)(DA)(DG)(DG)(DT)(DA)(DA)(DG)(DC)(DA)(DG)(DT)(DC)(DC)(DG)(DC)(DG) T
3 'polydeoxyribonucleotide' (DG)(DC)(DG)(DG)(DA)(DC)(DT)(DG)(DC)(DT)(DT)(DA)(DOC) P
#
loop_
_chem_comp.id
_chem_comp.type
_chem_comp.name
_chem_comp.formula
CA non-polymer 'CALCIUM ION' 'Ca 2'
DA DNA linking 2'-DEOXYADENOSINE-5'-MONOPHOSPHATE 'C10 H14 N5 O6 P'
DC DNA linking 2'-DEOXYCYTIDINE-5'-MONOPHOSPHATE 'C9 H14 N3 O7 P'
DG DNA linking 2'-DEOXYGUANOSINE-5'-MONOPHOSPHATE 'C10 H14 N5 O7 P'
DGT non-polymer 2'-DEOXYGUANOSINE-5'-TRIPHOSPHATE 'C10 H16 N5 O13 P3'
DOC DNA linking 2',3'-DIDEOXYCYTIDINE-5'-MONOPHOSPHATE 'C9 H14 N3 O6 P'
DT DNA linking THYMIDINE-5'-MONOPHOSPHATE 'C10 H15 N2 O8 P'
#
# COMPACT_ATOMS: atom_id res chain seq x y z
N MET A 1 24.93 24.02 6.91
CA MET A 1 24.36 22.71 6.47
C MET A 1 24.51 22.54 4.96
N LYS A 2 24.44 21.29 4.50
CA LYS A 2 24.43 21.00 3.08
C LYS A 2 23.08 21.41 2.48
N GLU A 3 23.12 22.07 1.33
CA GLU A 3 21.88 22.49 0.66
C GLU A 3 21.06 21.33 0.12
N PHE A 4 19.74 21.52 0.04
CA PHE A 4 18.88 20.56 -0.63
C PHE A 4 17.69 21.25 -1.31
N TYR A 5 17.23 20.68 -2.41
CA TYR A 5 16.11 21.25 -3.14
C TYR A 5 14.82 21.01 -2.37
N LEU A 6 13.82 21.83 -2.66
CA LEU A 6 12.47 21.61 -2.15
C LEU A 6 11.60 21.19 -3.34
N THR A 7 11.58 22.02 -4.37
CA THR A 7 10.83 21.75 -5.59
C THR A 7 11.67 22.15 -6.80
N VAL A 8 11.40 21.55 -7.95
CA VAL A 8 12.08 21.93 -9.18
C VAL A 8 11.06 21.90 -10.31
N GLU A 9 11.15 22.88 -11.22
CA GLU A 9 10.28 22.92 -12.40
C GLU A 9 11.06 23.37 -13.62
N GLN A 10 10.65 22.90 -14.80
CA GLN A 10 11.07 23.52 -16.04
C GLN A 10 9.94 24.42 -16.53
N ILE A 11 10.24 25.70 -16.72
CA ILE A 11 9.32 26.63 -17.36
C ILE A 11 10.03 27.27 -18.55
N GLY A 12 9.69 26.84 -19.76
CA GLY A 12 10.41 27.25 -20.97
C GLY A 12 11.89 26.91 -20.88
N ASP A 13 12.74 27.93 -21.03
CA ASP A 13 14.20 27.74 -20.99
C ASP A 13 14.81 27.98 -19.60
N SER A 14 13.95 28.02 -18.59
CA SER A 14 14.38 28.24 -17.22
C SER A 14 14.03 27.08 -16.32
N ILE A 15 14.95 26.78 -15.41
CA ILE A 15 14.65 25.94 -14.25
C ILE A 15 14.25 26.86 -13.11
N PHE A 16 13.10 26.59 -12.50
CA PHE A 16 12.71 27.27 -11.27
C PHE A 16 12.88 26.31 -10.10
N GLU A 17 13.73 26.70 -9.16
CA GLU A 17 14.03 25.84 -8.03
C GLU A 17 13.82 26.59 -6.74
N ARG A 18 13.04 25.97 -5.87
CA ARG A 18 12.97 26.37 -4.47
C ARG A 18 13.91 25.44 -3.72
N TYR A 19 14.67 25.97 -2.77
CA TYR A 19 15.66 25.15 -2.07
C TYR A 19 15.98 25.71 -0.69
N ILE A 20 16.64 24.89 0.12
CA ILE A 20 17.15 25.32 1.41
C ILE A 20 18.65 25.59 1.24
N ASP A 21 19.07 26.82 1.55
CA ASP A 21 20.47 27.18 1.37
C ASP A 21 21.34 26.68 2.54
N SER A 22 22.64 26.99 2.48
CA SER A 22 23.60 26.49 3.46
C SER A 22 23.37 27.03 4.87
N ASN A 23 22.46 28.01 5.01
CA ASN A 23 22.13 28.58 6.32
C ASN A 23 20.78 28.10 6.84
N GLY A 24 20.12 27.26 6.06
CA GLY A 24 18.83 26.71 6.44
C GLY A 24 17.68 27.62 6.05
N ARG A 25 17.95 28.61 5.21
CA ARG A 25 16.89 29.51 4.72
C ARG A 25 16.27 28.98 3.43
N GLU A 26 14.95 29.16 3.28
CA GLU A 26 14.30 28.89 2.01
C GLU A 26 14.56 30.00 0.99
N ARG A 27 14.96 29.58 -0.22
CA ARG A 27 15.27 30.49 -1.32
C ARG A 27 14.60 30.01 -2.60
N THR A 28 14.41 30.91 -3.56
CA THR A 28 13.98 30.54 -4.89
C THR A 28 14.93 31.16 -5.91
N ARG A 29 15.20 30.42 -6.98
CA ARG A 29 16.03 30.92 -8.08
C ARG A 29 15.54 30.49 -9.45
N GLU A 30 15.88 31.29 -10.45
CA GLU A 30 15.62 30.97 -11.85
C GLU A 30 16.97 30.76 -12.52
N VAL A 31 17.16 29.59 -13.12
CA VAL A 31 18.45 29.25 -13.72
C VAL A 31 18.26 28.93 -15.20
N GLU A 32 19.07 29.57 -16.05
CA GLU A 32 19.08 29.32 -17.49
C GLU A 32 19.96 28.09 -17.76
N TYR A 33 19.45 26.95 -17.33
CA TYR A 33 20.17 25.69 -17.37
C TYR A 33 20.43 25.25 -18.79
N LYS A 34 21.70 24.99 -19.09
CA LYS A 34 22.07 24.51 -20.41
C LYS A 34 22.29 23.01 -20.33
N PRO A 35 21.37 22.23 -20.92
CA PRO A 35 21.44 20.78 -20.78
C PRO A 35 22.45 20.19 -21.76
N SER A 36 22.90 18.97 -21.46
CA SER A 36 23.68 18.20 -22.43
C SER A 36 22.94 16.95 -22.78
N LEU A 37 23.03 16.56 -24.05
CA LEU A 37 22.61 15.24 -24.49
C LEU A 37 23.77 14.62 -25.26
N PHE A 38 23.58 13.42 -25.80
CA PHE A 38 24.72 12.69 -26.35
C PHE A 38 24.37 11.98 -27.65
N ALA A 39 25.37 11.85 -28.52
CA ALA A 39 25.26 11.05 -29.73
C ALA A 39 26.47 10.13 -29.79
N HIS A 40 26.31 8.96 -30.41
CA HIS A 40 27.45 8.08 -30.62
C HIS A 40 28.45 8.78 -31.54
N CYS A 41 29.74 8.50 -31.36
CA CYS A 41 30.80 9.09 -32.19
C CYS A 41 31.83 8.03 -32.62
N PRO A 42 32.74 8.37 -33.55
CA PRO A 42 33.72 7.38 -34.02
C PRO A 42 34.70 6.93 -32.92
N GLU A 43 35.18 5.70 -33.04
CA GLU A 43 36.11 5.09 -32.07
C GLU A 43 37.35 5.95 -31.85
N SER A 44 37.77 6.64 -32.91
CA SER A 44 38.94 7.51 -32.87
C SER A 44 38.74 8.79 -32.07
N GLN A 45 37.47 9.22 -31.94
CA GLN A 45 37.13 10.42 -31.19
C GLN A 45 37.43 10.24 -29.70
N ALA A 46 38.42 10.99 -29.21
CA ALA A 46 38.80 10.97 -27.80
C ALA A 46 37.66 11.50 -26.93
N THR A 47 37.16 10.66 -26.04
CA THR A 47 36.08 11.04 -25.15
C THR A 47 36.15 10.34 -23.80
N LYS A 48 35.46 10.91 -22.82
CA LYS A 48 35.31 10.27 -21.53
C LYS A 48 33.89 9.73 -21.32
N TYR A 49 33.01 9.98 -22.29
CA TYR A 49 31.61 9.52 -22.20
C TYR A 49 31.39 8.26 -23.03
N PHE A 50 30.78 7.27 -22.40
CA PHE A 50 30.49 5.99 -23.04
C PHE A 50 29.07 5.56 -22.68
N ASP A 51 28.36 4.97 -23.63
CA ASP A 51 27.02 4.46 -23.34
C ASP A 51 27.16 3.20 -22.49
N ILE A 52 26.04 2.61 -22.08
CA ILE A 52 26.12 1.53 -21.10
C ILE A 52 26.78 0.27 -21.66
N TYR A 53 26.91 0.23 -22.99
CA TYR A 53 27.54 -0.89 -23.70
C TYR A 53 29.02 -0.66 -24.03
N GLY A 54 29.55 0.49 -23.61
CA GLY A 54 30.95 0.81 -23.83
C GLY A 54 31.25 1.51 -25.15
N LYS A 55 30.20 1.88 -25.89
CA LYS A 55 30.38 2.64 -27.13
C LYS A 55 30.54 4.13 -26.82
N PRO A 56 31.55 4.77 -27.46
CA PRO A 56 31.89 6.18 -27.19
C PRO A 56 30.81 7.15 -27.64
N CYS A 57 30.65 8.23 -26.88
CA CYS A 57 29.67 9.26 -27.17
C CYS A 57 30.30 10.64 -27.12
N THR A 58 29.80 11.55 -27.94
CA THR A 58 30.16 12.95 -27.81
C THR A 58 29.04 13.71 -27.07
N ARG A 59 29.45 14.64 -26.21
CA ARG A 59 28.50 15.45 -25.47
C ARG A 59 28.11 16.66 -26.30
N LYS A 60 26.81 16.92 -26.36
CA LYS A 60 26.30 18.10 -27.03
C LYS A 60 25.69 19.06 -26.01
N LEU A 61 26.34 20.21 -25.85
CA LEU A 61 25.88 21.23 -24.92
C LEU A 61 24.98 22.19 -25.65
N PHE A 62 23.74 22.34 -25.20
CA PHE A 62 22.78 23.20 -25.89
C PHE A 62 22.67 24.59 -25.27
N ALA A 63 22.38 25.59 -26.09
CA ALA A 63 22.23 26.97 -25.61
C ALA A 63 21.06 27.09 -24.65
N ASN A 64 20.08 26.20 -24.78
CA ASN A 64 18.91 26.20 -23.92
C ASN A 64 18.14 24.89 -24.03
N MET A 65 17.17 24.68 -23.13
CA MET A 65 16.43 23.41 -23.08
C MET A 65 15.56 23.16 -24.32
N ARG A 66 14.98 24.21 -24.87
CA ARG A 66 14.21 24.06 -26.11
C ARG A 66 15.09 23.58 -27.27
N ASP A 67 16.32 24.10 -27.36
CA ASP A 67 17.26 23.64 -28.40
C ASP A 67 17.48 22.13 -28.28
N ALA A 68 17.67 21.67 -27.05
CA ALA A 68 17.90 20.24 -26.75
C ALA A 68 16.71 19.38 -27.16
N SER A 69 15.50 19.85 -26.85
CA SER A 69 14.28 19.12 -27.20
C SER A 69 14.07 19.06 -28.70
N GLN A 70 14.35 20.16 -29.38
CA GLN A 70 14.30 20.19 -30.85
C GLN A 70 15.32 19.24 -31.47
N TRP A 71 16.50 19.15 -30.88
CA TRP A 71 17.53 18.24 -31.38
C TRP A 71 17.07 16.79 -31.30
N ILE A 72 16.39 16.44 -30.20
CA ILE A 72 15.85 15.09 -30.04
C ILE A 72 14.89 14.75 -31.18
N LYS A 73 13.99 15.67 -31.50
CA LYS A 73 13.04 15.51 -32.62
C LYS A 73 13.72 15.29 -33.98
N ARG A 74 14.77 16.07 -34.24
CA ARG A 74 15.52 15.94 -35.49
C ARG A 74 16.27 14.61 -35.57
N MET A 75 16.82 14.16 -34.46
CA MET A 75 17.50 12.87 -34.40
C MET A 75 16.54 11.71 -34.71
N GLU A 76 15.29 11.84 -34.25
CA GLU A 76 14.24 10.90 -34.63
C GLU A 76 13.95 11.00 -36.15
N ASP A 77 13.88 12.21 -36.68
CA ASP A 77 13.67 12.45 -38.11
C ASP A 77 14.81 11.87 -38.97
N ILE A 78 16.03 11.91 -38.46
CA ILE A 78 17.18 11.33 -39.14
C ILE A 78 17.21 9.80 -38.95
N GLY A 79 16.75 9.34 -37.78
CA GLY A 79 16.77 7.92 -37.46
C GLY A 79 17.97 7.51 -36.62
N LEU A 80 18.37 8.37 -35.69
CA LEU A 80 19.52 8.12 -34.86
C LEU A 80 19.20 8.32 -33.39
N GLU A 81 19.78 7.49 -32.55
CA GLU A 81 19.54 7.54 -31.10
C GLU A 81 20.05 8.86 -30.52
N ALA A 82 19.18 9.53 -29.77
CA ALA A 82 19.53 10.71 -29.01
C ALA A 82 19.66 10.31 -27.53
N LEU A 83 20.90 10.19 -27.06
CA LEU A 83 21.17 9.66 -25.73
C LEU A 83 21.21 10.73 -24.62
N GLY A 84 21.01 10.32 -23.37
CA GLY A 84 21.06 11.22 -22.22
C GLY A 84 19.72 11.43 -21.54
N MET A 85 19.75 12.11 -20.40
CA MET A 85 18.54 12.38 -19.61
C MET A 85 17.71 13.48 -20.28
N ASP A 86 16.59 13.05 -20.84
CA ASP A 86 15.69 13.93 -21.60
C ASP A 86 14.76 14.73 -20.69
N ASP A 87 14.64 14.32 -19.42
CA ASP A 87 13.91 15.11 -18.43
C ASP A 87 14.91 16.06 -17.77
N PHE A 88 14.93 17.30 -18.26
CA PHE A 88 16.03 18.22 -17.95
C PHE A 88 16.11 18.61 -16.48
N LYS A 89 14.99 18.59 -15.77
CA LYS A 89 15.05 18.92 -14.34
C LYS A 89 15.75 17.86 -13.50
N LEU A 90 15.66 16.59 -13.92
CA LEU A 90 16.42 15.53 -13.27
C LEU A 90 17.92 15.69 -13.51
N ALA A 91 18.28 16.15 -14.71
CA ALA A 91 19.67 16.47 -15.03
C ALA A 91 20.15 17.67 -14.21
N TYR A 92 19.30 18.69 -14.11
CA TYR A 92 19.58 19.85 -13.26
C TYR A 92 19.85 19.44 -11.81
N LEU A 93 18.95 18.63 -11.24
CA LEU A 93 19.12 18.19 -9.85
C LEU A 93 20.38 17.37 -9.66
N SER A 94 20.67 16.52 -10.64
CA SER A 94 21.87 15.70 -10.62
C SER A 94 23.16 16.54 -10.60
N ASP A 95 23.18 17.61 -11.41
CA ASP A 95 24.32 18.53 -11.46
C ASP A 95 24.46 19.37 -10.19
N THR A 96 23.33 19.79 -9.64
CA THR A 96 23.33 20.76 -8.53
C THR A 96 23.56 20.07 -7.18
N TYR A 97 23.12 18.81 -7.08
CA TYR A 97 23.25 18.03 -5.84
C TYR A 97 24.02 16.76 -6.14
N ASN A 98 25.29 16.95 -6.48
CA ASN A 98 26.20 15.87 -6.81
CA ASN A 98 26.15 15.81 -6.81
C ASN A 98 26.75 15.21 -5.54
N TYR A 99 25.86 14.81 -4.65
CA TYR A 99 26.21 14.17 -3.36
C TYR A 99 24.94 13.57 -2.80
N GLU A 100 25.09 12.63 -1.86
CA GLU A 100 23.91 12.07 -1.18
C GLU A 100 23.22 13.17 -0.39
N ILE A 101 21.95 13.40 -0.70
CA ILE A 101 21.21 14.48 -0.05
C ILE A 101 20.87 14.12 1.40
N LYS A 102 21.29 15.00 2.30
CA LYS A 102 20.86 14.97 3.68
C LYS A 102 19.88 16.13 3.84
N TYR A 103 18.61 15.81 4.08
CA TYR A 103 17.58 16.83 4.18
C TYR A 103 17.16 17.02 5.64
N ASP A 104 16.65 18.20 5.94
CA ASP A 104 16.19 18.50 7.27
C ASP A 104 14.70 18.80 7.16
N HIS A 105 13.88 17.85 7.60
CA HIS A 105 12.42 17.95 7.47
C HIS A 105 11.84 19.19 8.17
N THR A 106 12.53 19.69 9.20
CA THR A 106 12.00 20.81 9.98
C THR A 106 11.94 22.10 9.16
N LYS A 107 12.75 22.16 8.09
CA LYS A 107 12.84 23.33 7.20
C LYS A 107 11.89 23.22 6.00
N ILE A 108 11.23 22.08 5.84
CA ILE A 108 10.32 21.87 4.71
C ILE A 108 8.90 22.21 5.13
N ARG A 109 8.28 23.13 4.42
CA ARG A 109 6.93 23.56 4.77
C ARG A 109 5.92 22.55 4.27
N VAL A 110 5.32 21.82 5.20
CA VAL A 110 4.31 20.84 4.86
C VAL A 110 2.96 21.39 5.28
N ALA A 111 2.09 21.55 4.30
CA ALA A 111 0.76 22.10 4.57
C ALA A 111 -0.30 21.02 4.40
N ASN A 112 -1.19 20.97 5.38
CA ASN A 112 -2.33 20.06 5.42
C ASN A 112 -3.56 20.94 5.45
N PHE A 113 -4.40 20.89 4.41
CA PHE A 113 -5.60 21.75 4.43
C PHE A 113 -6.90 21.03 4.03
N ASP A 114 -8.02 21.68 4.33
CA ASP A 114 -9.34 21.15 4.00
C ASP A 114 -10.27 22.34 3.88
N ILE A 115 -11.19 22.28 2.92
CA ILE A 115 -12.16 23.35 2.72
C ILE A 115 -13.60 22.85 2.93
N GLU A 116 -14.49 23.78 3.24
CA GLU A 116 -15.90 23.48 3.28
C GLU A 116 -16.61 24.36 2.27
N VAL A 117 -17.58 23.77 1.58
CA VAL A 117 -18.40 24.45 0.58
C VAL A 117 -19.85 24.00 0.78
N THR A 118 -20.71 24.89 1.25
CA THR A 118 -22.13 24.58 1.38
C THR A 118 -22.78 24.59 -0.02
N SER A 119 -23.51 23.52 -0.33
CA SER A 119 -24.24 23.41 -1.60
C SER A 119 -25.62 22.78 -1.45
N PRO A 120 -26.69 23.52 -1.82
CA PRO A 120 -28.06 23.04 -1.74
C PRO A 120 -28.51 22.19 -2.93
N ASP A 121 -27.76 22.22 -4.04
CA ASP A 121 -28.15 21.47 -5.23
C ASP A 121 -27.19 20.32 -5.59
N GLY A 122 -26.74 19.59 -4.57
CA GLY A 122 -25.92 18.41 -4.79
C GLY A 122 -24.43 18.66 -4.61
N PHE A 123 -23.63 17.72 -5.08
CA PHE A 123 -22.18 17.80 -4.93
C PHE A 123 -21.60 19.03 -5.63
N PRO A 124 -20.77 19.80 -4.92
CA PRO A 124 -20.15 21.01 -5.46
C PRO A 124 -18.98 20.71 -6.40
N GLU A 125 -19.26 20.68 -7.70
CA GLU A 125 -18.26 20.33 -8.71
C GLU A 125 -17.12 21.35 -8.78
N PRO A 126 -15.88 20.88 -8.54
CA PRO A 126 -14.69 21.74 -8.53
C PRO A 126 -14.47 22.50 -9.84
N SER A 127 -14.79 21.89 -10.98
CA SER A 127 -14.61 22.53 -12.29
C SER A 127 -15.56 23.72 -12.50
N GLN A 128 -16.69 23.72 -11.80
CA GLN A 128 -17.65 24.81 -11.88
C GLN A 128 -17.44 25.84 -10.76
N ALA A 129 -17.11 25.34 -9.56
CA ALA A 129 -16.92 26.17 -8.35
C ALA A 129 -17.97 27.28 -8.20
N LYS A 130 -19.24 26.89 -8.19
CA LYS A 130 -20.34 27.85 -8.24
C LYS A 130 -20.85 28.28 -6.88
N HIS A 131 -20.33 27.65 -5.82
CA HIS A 131 -20.75 27.99 -4.47
C HIS A 131 -19.61 28.61 -3.65
N PRO A 132 -19.96 29.50 -2.71
CA PRO A 132 -18.92 30.09 -1.87
C PRO A 132 -18.11 29.05 -1.08
N ILE A 133 -16.82 29.30 -0.94
CA ILE A 133 -16.01 28.58 0.03
C ILE A 133 -16.26 29.24 1.38
N ASP A 134 -16.82 28.49 2.34
CA ASP A 134 -17.20 29.08 3.62
C ASP A 134 -16.32 28.71 4.83
N ALA A 135 -15.36 27.80 4.62
CA ALA A 135 -14.37 27.48 5.62
C ALA A 135 -13.10 26.91 4.99
N ILE A 136 -11.94 27.34 5.50
CA ILE A 136 -10.66 26.70 5.19
C ILE A 136 -9.90 26.52 6.50
N THR A 137 -9.42 25.30 6.76
CA THR A 137 -8.45 25.08 7.83
C THR A 137 -7.17 24.61 7.16
N HIS A 138 -6.09 25.30 7.48
CA HIS A 138 -4.81 25.11 6.83
C HIS A 138 -3.73 25.00 7.91
N TYR A 139 -3.22 23.78 8.10
CA TYR A 139 -2.19 23.53 9.11
C TYR A 139 -0.82 23.67 8.46
N ASP A 140 0.07 24.40 9.12
CA ASP A 140 1.42 24.66 8.63
C ASP A 140 2.41 23.96 9.55
N SER A 141 3.23 23.06 9.00
CA SER A 141 4.15 22.28 9.82
C SER A 141 5.27 23.09 10.48
N ILE A 142 5.66 24.20 9.85
CA ILE A 142 6.74 25.03 10.39
C ILE A 142 6.26 25.89 11.57
N ASP A 143 5.07 26.47 11.46
CA ASP A 143 4.47 27.23 12.56
C ASP A 143 3.86 26.30 13.61
N ASP A 144 3.52 25.07 13.19
CA ASP A 144 2.75 24.14 14.03
C ASP A 144 1.43 24.79 14.48
N ARG A 145 0.73 25.39 13.51
CA ARG A 145 -0.52 26.10 13.79
C ARG A 145 -1.63 25.73 12.80
N PHE A 146 -2.87 25.66 13.29
CA PHE A 146 -4.04 25.49 12.41
C PHE A 146 -4.63 26.87 12.15
N TYR A 147 -4.53 27.32 10.90
CA TYR A 147 -5.08 28.60 10.51
C TYR A 147 -6.47 28.40 9.98
N VAL A 148 -7.44 29.03 10.63
CA VAL A 148 -8.85 28.79 10.36
C VAL A 148 -9.47 30.05 9.74
N PHE A 149 -9.95 29.92 8.51
CA PHE A 149 -10.58 31.01 7.77
C PHE A 149 -12.06 30.70 7.68
N ASP A 150 -12.88 31.50 8.36
CA ASP A 150 -14.30 31.18 8.56
C ASP A 150 -15.21 32.25 7.96
N LEU A 151 -16.04 31.86 6.99
CA LEU A 151 -16.96 32.79 6.34
C LEU A 151 -18.24 32.96 7.14
N LEU A 152 -18.47 34.18 7.63
CA LEU A 152 -19.62 34.44 8.49
C LEU A 152 -20.87 34.84 7.71
N ASN A 153 -20.67 35.47 6.56
CA ASN A 153 -21.77 35.94 5.72
C ASN A 153 -21.72 35.33 4.34
N SER A 154 -22.84 34.74 3.92
CA SER A 154 -22.91 33.97 2.70
C SER A 154 -24.33 34.09 2.15
N PRO A 155 -24.50 33.88 0.83
CA PRO A 155 -25.88 33.78 0.32
C PRO A 155 -26.65 32.60 0.91
N TYR A 156 -25.95 31.62 1.51
CA TYR A 156 -26.61 30.48 2.14
C TYR A 156 -26.77 30.61 3.66
N GLY A 157 -26.49 31.81 4.19
CA GLY A 157 -26.74 32.09 5.60
C GLY A 157 -25.68 32.94 6.27
N ASN A 158 -26.13 33.85 7.13
CA ASN A 158 -25.25 34.60 8.01
C ASN A 158 -25.17 33.92 9.36
N VAL A 159 -23.96 33.74 9.86
CA VAL A 159 -23.74 33.01 11.10
C VAL A 159 -22.90 33.79 12.11
N GLU A 160 -22.86 33.29 13.35
CA GLU A 160 -22.06 33.88 14.41
C GLU A 160 -20.65 33.30 14.39
N GLU A 161 -19.72 33.95 15.07
CA GLU A 161 -18.35 33.44 15.14
C GLU A 161 -18.32 32.07 15.82
N TRP A 162 -17.36 31.26 15.39
CA TRP A 162 -17.06 30.02 16.08
C TRP A 162 -16.42 30.33 17.43
N SER A 163 -16.85 29.58 18.46
CA SER A 163 -16.32 29.73 19.81
C SER A 163 -15.32 28.63 20.13
N ILE A 164 -14.06 29.00 20.37
CA ILE A 164 -13.04 28.02 20.79
C ILE A 164 -13.35 27.36 22.14
N GLU A 165 -14.08 28.08 22.98
CA GLU A 165 -14.42 27.60 24.32
C GLU A 165 -15.41 26.43 24.23
N ILE A 166 -16.47 26.62 23.45
CA ILE A 166 -17.44 25.56 23.19
C ILE A 166 -16.77 24.38 22.46
N ALA A 167 -15.89 24.69 21.51
CA ALA A 167 -15.19 23.69 20.71
C ALA A 167 -14.40 22.71 21.57
N ALA A 168 -13.83 23.23 22.67
CA ALA A 168 -12.99 22.45 23.58
C ALA A 168 -13.82 21.52 24.48
N LYS A 169 -15.05 21.94 24.77
CA LYS A 169 -15.92 21.21 25.70
C LYS A 169 -16.29 19.82 25.21
N LEU A 170 -16.57 18.91 26.14
CA LEU A 170 -17.00 17.56 25.83
C LEU A 170 -18.30 17.59 25.02
N GLN A 171 -18.53 16.56 24.20
CA GLN A 171 -19.81 16.43 23.49
C GLN A 171 -20.97 16.43 24.48
N GLU A 172 -20.73 15.86 25.66
CA GLU A 172 -21.71 15.80 26.75
C GLU A 172 -21.96 17.15 27.44
N GLN A 173 -21.11 18.12 27.15
CA GLN A 173 -21.32 19.50 27.59
C GLN A 173 -21.94 20.34 26.49
N GLY A 174 -22.28 19.70 25.36
CA GLY A 174 -22.76 20.42 24.20
C GLY A 174 -21.62 20.91 23.31
N GLY A 175 -20.39 20.48 23.63
CA GLY A 175 -19.21 20.91 22.88
C GLY A 175 -18.83 20.03 21.71
N ASP A 176 -17.69 20.33 21.07
CA ASP A 176 -17.29 19.60 19.88
C ASP A 176 -16.13 18.66 20.09
N GLU A 177 -15.56 18.68 21.30
CA GLU A 177 -14.40 17.87 21.67
C GLU A 177 -13.24 17.99 20.69
N VAL A 178 -12.91 19.22 20.30
CA VAL A 178 -11.66 19.47 19.59
C VAL A 178 -10.56 19.13 20.57
N PRO A 179 -9.67 18.18 20.21
CA PRO A 179 -8.63 17.67 21.11
C PRO A 179 -7.88 18.80 21.82
N SER A 180 -7.77 18.68 23.14
CA SER A 180 -7.11 19.69 23.97
C SER A 180 -5.70 20.04 23.51
N GLU A 181 -4.99 19.06 22.94
CA GLU A 181 -3.61 19.28 22.49
C GLU A 181 -3.45 20.18 21.25
N ILE A 182 -4.54 20.53 20.57
CA ILE A 182 -4.46 21.44 19.43
C ILE A 182 -5.17 22.78 19.66
N ILE A 183 -5.94 22.86 20.76
CA ILE A 183 -6.69 24.06 21.09
C ILE A 183 -5.81 25.33 21.08
N ASP A 184 -4.65 25.25 21.73
CA ASP A 184 -3.73 26.40 21.80
C ASP A 184 -3.01 26.68 20.49
N LYS A 185 -3.18 25.79 19.52
CA LYS A 185 -2.50 25.91 18.21
C LYS A 185 -3.44 26.43 17.11
N ILE A 186 -4.65 26.84 17.47
CA ILE A 186 -5.62 27.35 16.49
C ILE A 186 -5.56 28.87 16.38
N ILE A 187 -5.45 29.35 15.15
CA ILE A 187 -5.43 30.78 14.88
C ILE A 187 -6.69 31.03 14.06
N TYR A 188 -7.68 31.65 14.72
CA TYR A 188 -9.02 31.78 14.15
C TYR A 188 -9.27 33.14 13.52
N MET A 189 -9.69 33.12 12.25
CA MET A 189 -9.91 34.35 11.49
C MET A 189 -11.29 34.34 10.83
N PRO A 190 -12.25 35.09 11.40
CA PRO A 190 -13.56 35.18 10.77
C PRO A 190 -13.59 36.27 9.70
N PHE A 191 -14.44 36.10 8.69
CA PHE A 191 -14.52 37.03 7.57
C PHE A 191 -15.94 37.44 7.27
N ASP A 192 -16.07 38.72 6.95
CA ASP A 192 -17.34 39.36 6.65
C ASP A 192 -17.87 38.97 5.27
N ASN A 193 -16.97 38.61 4.36
CA ASN A 193 -17.34 38.24 3.00
C ASN A 193 -16.28 37.37 2.34
N GLU A 194 -16.68 36.61 1.34
CA GLU A 194 -15.83 35.58 0.74
C GLU A 194 -14.63 36.17 0.00
N LYS A 195 -14.82 37.32 -0.66
CA LYS A 195 -13.72 37.95 -1.39
C LYS A 195 -12.56 38.24 -0.44
N GLU A 196 -12.87 38.82 0.71
CA GLU A 196 -11.89 39.15 1.72
C GLU A 196 -11.19 37.91 2.26
N LEU A 197 -11.96 36.86 2.52
CA LEU A 197 -11.42 35.57 2.98
C LEU A 197 -10.37 35.05 2.00
N LEU A 198 -10.72 35.06 0.71
CA LEU A 198 -9.88 34.46 -0.31
C LEU A 198 -8.65 35.30 -0.57
N MET A 199 -8.79 36.62 -0.52
CA MET A 199 -7.66 37.53 -0.68
C MET A 199 -6.66 37.36 0.45
N GLU A 200 -7.17 37.26 1.68
CA GLU A 200 -6.33 37.00 2.83
C GLU A 200 -5.69 35.60 2.76
N TYR A 201 -6.45 34.61 2.30
CA TYR A 201 -5.87 33.26 2.13
C TYR A 201 -4.68 33.28 1.17
N LEU A 202 -4.84 33.95 0.04
CA LEU A 202 -3.75 34.07 -0.94
C LEU A 202 -2.53 34.81 -0.41
N ASN A 203 -2.74 35.90 0.33
CA ASN A 203 -1.61 36.60 0.99
C ASN A 203 -0.90 35.73 2.01
N PHE A 204 -1.70 34.98 2.77
CA PHE A 204 -1.19 34.01 3.73
C PHE A 204 -0.36 32.94 3.00
N TRP A 205 -0.92 32.41 1.91
CA TRP A 205 -0.26 31.40 1.09
C TRP A 205 1.07 31.89 0.51
N GLN A 206 1.10 33.16 0.10
CA GLN A 206 2.34 33.78 -0.36
C GLN A 206 3.39 33.88 0.74
N GLN A 207 2.96 34.11 1.97
CA GLN A 207 3.89 34.19 3.11
C GLN A 207 4.37 32.80 3.51
N LYS A 208 3.46 31.84 3.46
CA LYS A 208 3.72 30.49 3.95
C LYS A 208 3.46 29.49 2.84
N THR A 209 4.23 29.58 1.77
CA THR A 209 3.99 28.81 0.56
C THR A 209 4.33 27.33 0.76
N PRO A 210 3.32 26.46 0.68
CA PRO A 210 3.58 25.02 0.89
C PRO A 210 4.65 24.51 -0.06
N VAL A 211 5.51 23.62 0.44
CA VAL A 211 6.40 22.85 -0.40
C VAL A 211 5.70 21.54 -0.70
N ILE A 212 5.38 20.81 0.36
CA ILE A 212 4.55 19.61 0.28
C ILE A 212 3.13 20.03 0.65
N LEU A 213 2.19 19.69 -0.21
CA LEU A 213 0.78 20.02 0.03
C LEU A 213 -0.07 18.74 0.08
N THR A 214 -0.78 18.58 1.18
CA THR A 214 -1.50 17.35 1.41
C THR A 214 -2.83 17.62 2.12
N GLY A 215 -3.52 16.55 2.48
CA GLY A 215 -4.86 16.62 3.02
C GLY A 215 -5.63 15.47 2.40
N TRP A 216 -6.95 15.46 2.55
CA TRP A 216 -7.74 14.32 2.11
C TRP A 216 -8.56 14.67 0.87
N ASN A 217 -8.22 14.03 -0.27
CA ASN A 217 -8.83 14.34 -1.57
C ASN A 217 -8.52 15.75 -2.06
N VAL A 218 -7.43 16.33 -1.58
CA VAL A 218 -7.08 17.70 -1.97
C VAL A 218 -6.80 17.84 -3.46
N GLU A 219 -6.23 16.81 -4.07
CA GLU A 219 -5.87 16.89 -5.50
C GLU A 219 -7.11 16.84 -6.38
N SER A 220 -8.11 16.06 -5.98
CA SER A 220 -9.32 15.91 -6.77
C SER A 220 -10.42 16.90 -6.39
N PHE A 221 -10.39 17.41 -5.15
CA PHE A 221 -11.41 18.36 -4.72
C PHE A 221 -10.92 19.74 -4.22
N ALA A 222 -10.17 19.79 -3.13
CA ALA A 222 -9.87 21.09 -2.51
C ALA A 222 -9.06 22.01 -3.43
N ILE A 223 -7.99 21.48 -4.02
CA ILE A 223 -7.14 22.30 -4.88
C ILE A 223 -7.88 22.84 -6.12
N PRO A 224 -8.52 21.96 -6.93
CA PRO A 224 -9.25 22.53 -8.07
C PRO A 224 -10.42 23.43 -7.68
N TYR A 225 -11.09 23.14 -6.56
CA TYR A 225 -12.17 24.01 -6.12
C TYR A 225 -11.67 25.42 -5.76
N VAL A 226 -10.62 25.49 -4.94
CA VAL A 226 -10.05 26.78 -4.55
C VAL A 226 -9.55 27.54 -5.78
N TYR A 227 -8.84 26.84 -6.67
CA TYR A 227 -8.29 27.44 -7.88
C TYR A 227 -9.42 28.00 -8.77
N ASN A 228 -10.43 27.18 -9.01
CA ASN A 228 -11.55 27.60 -9.87
C ASN A 228 -12.45 28.67 -9.28
N ARG A 229 -12.60 28.63 -7.96
CA ARG A 229 -13.41 29.63 -7.27
C ARG A 229 -12.76 31.00 -7.34
N ILE A 230 -11.46 31.03 -7.06
CA ILE A 230 -10.68 32.27 -7.13
C ILE A 230 -10.65 32.77 -8.57
N LYS A 231 -10.42 31.85 -9.51
CA LYS A 231 -10.49 32.16 -10.95
C LYS A 231 -11.83 32.79 -11.34
N ASN A 232 -12.92 32.24 -10.80
CA ASN A 232 -14.26 32.75 -11.13
C ASN A 232 -14.55 34.13 -10.54
N ILE A 233 -14.08 34.37 -9.33
CA ILE A 233 -14.32 35.64 -8.65
C ILE A 233 -13.37 36.74 -9.14
N PHE A 234 -12.08 36.41 -9.24
CA PHE A 234 -11.04 37.41 -9.47
C PHE A 234 -10.38 37.35 -10.84
N GLY A 235 -10.47 36.21 -11.52
CA GLY A 235 -9.74 36.04 -12.78
C GLY A 235 -8.54 35.12 -12.62
N GLU A 236 -7.98 34.73 -13.75
CA GLU A 236 -6.90 33.73 -13.81
C GLU A 236 -5.59 34.09 -13.10
N SER A 237 -5.12 35.32 -13.29
CA SER A 237 -3.82 35.75 -12.76
C SER A 237 -3.80 35.62 -11.22
N THR A 238 -4.94 35.91 -10.61
CA THR A 238 -5.08 35.81 -9.17
C THR A 238 -5.08 34.35 -8.71
N ALA A 239 -5.74 33.47 -9.47
CA ALA A 239 -5.78 32.04 -9.11
C ALA A 239 -4.39 31.40 -9.22
N LYS A 240 -3.58 31.90 -10.16
CA LYS A 240 -2.23 31.37 -10.40
C LYS A 240 -1.24 31.74 -9.29
N ARG A 241 -1.64 32.63 -8.40
CA ARG A 241 -0.87 32.94 -7.18
C ARG A 241 -0.75 31.74 -6.22
N LEU A 242 -1.53 30.70 -6.47
CA LEU A 242 -1.37 29.42 -5.76
C LEU A 242 -0.06 28.72 -6.14
N SER A 243 0.49 29.10 -7.29
CA SER A 243 1.81 28.64 -7.71
C SER A 243 2.86 29.71 -7.40
N PRO A 244 3.98 29.32 -6.75
CA PRO A 244 5.00 30.33 -6.43
C PRO A 244 5.67 30.92 -7.67
N HIS A 245 5.57 30.23 -8.80
CA HIS A 245 6.07 30.76 -10.07
C HIS A 245 4.95 31.27 -10.97
N ARG A 246 3.74 31.36 -10.43
CA ARG A 246 2.57 31.85 -11.16
C ARG A 246 2.27 31.06 -12.43
N LYS A 247 2.56 29.77 -12.40
CA LYS A 247 2.26 28.89 -13.53
C LYS A 247 1.42 27.71 -13.08
N THR A 248 0.34 27.47 -13.81
CA THR A 248 -0.52 26.32 -13.53
C THR A 248 -0.89 25.65 -14.83
N ARG A 249 -1.39 24.42 -14.73
CA ARG A 249 -1.85 23.69 -15.90
C ARG A 249 -3.04 22.84 -15.49
N VAL A 250 -4.11 22.91 -16.27
CA VAL A 250 -5.18 21.95 -16.12
C VAL A 250 -4.66 20.64 -16.69
N LYS A 251 -4.52 19.62 -15.84
CA LYS A 251 -4.03 18.31 -16.27
C LYS A 251 -5.16 17.30 -16.31
N VAL A 252 -5.24 16.59 -17.43
CA VAL A 252 -6.30 15.59 -17.62
C VAL A 252 -5.82 14.20 -17.17
N ILE A 253 -6.46 13.69 -16.13
CA ILE A 253 -6.17 12.36 -15.62
C ILE A 253 -7.13 11.37 -16.28
N GLU A 254 -6.57 10.51 -17.12
CA GLU A 254 -7.38 9.57 -17.90
C GLU A 254 -7.02 8.11 -17.67
N ASN A 255 -8.05 7.28 -17.57
CA ASN A 255 -7.88 5.83 -17.52
C ASN A 255 -8.60 5.17 -18.72
N MET A 256 -8.98 3.90 -18.56
CA MET A 256 -9.63 3.15 -19.63
C MET A 256 -11.07 3.58 -19.91
N TYR A 257 -11.72 4.18 -18.91
CA TYR A 257 -13.12 4.62 -19.03
C TYR A 257 -13.33 6.03 -18.45
N GLY A 258 -13.28 7.03 -19.33
CA GLY A 258 -13.49 8.43 -18.93
C GLY A 258 -12.23 9.11 -18.40
N SER A 259 -12.40 10.36 -17.98
CA SER A 259 -11.29 11.18 -17.47
C SER A 259 -11.75 12.27 -16.49
N ARG A 260 -10.77 12.85 -15.79
CA ARG A 260 -11.02 13.92 -14.80
C ARG A 260 -9.94 15.01 -14.86
N GLU A 261 -10.22 16.14 -14.19
CA GLU A 261 -9.33 17.31 -14.24
C GLU A 261 -8.70 17.67 -12.90
N ILE A 262 -7.38 17.82 -12.90
CA ILE A 262 -6.66 18.34 -11.75
C ILE A 262 -5.81 19.54 -12.18
N ILE A 263 -5.39 20.33 -11.20
CA ILE A 263 -4.62 21.51 -11.47
C ILE A 263 -3.20 21.28 -11.01
N THR A 264 -2.25 21.41 -11.93
CA THR A 264 -0.85 21.32 -11.56
C THR A 264 -0.42 22.71 -11.11
N LEU A 265 0.10 22.80 -9.90
CA LEU A 265 0.64 24.05 -9.36
C LEU A 265 2.15 23.96 -9.43
N PHE A 266 2.75 24.61 -10.42
CA PHE A 266 4.20 24.53 -10.57
C PHE A 266 4.86 25.09 -9.33
N GLY A 267 5.89 24.40 -8.83
CA GLY A 267 6.63 24.86 -7.64
C GLY A 267 6.03 24.36 -6.31
N ILE A 268 5.04 23.50 -6.40
CA ILE A 268 4.43 22.82 -5.23
C ILE A 268 4.44 21.31 -5.50
N SER A 269 4.67 20.52 -4.45
CA SER A 269 4.61 19.06 -4.59
C SER A 269 3.36 18.56 -3.87
N VAL A 270 2.34 18.19 -4.64
CA VAL A 270 1.07 17.75 -4.04
C VAL A 270 1.15 16.24 -3.79
N LEU A 271 0.96 15.86 -2.53
CA LEU A 271 0.92 14.46 -2.12
C LEU A 271 -0.41 14.29 -1.40
N ASP A 272 -1.46 14.03 -2.17
CA ASP A 272 -2.80 13.85 -1.61
C ASP A 272 -2.74 12.65 -0.67
N TYR A 273 -3.21 12.81 0.57
CA TYR A 273 -3.06 11.72 1.54
C TYR A 273 -3.84 10.48 1.17
N ILE A 274 -4.98 10.64 0.49
CA ILE A 274 -5.72 9.46 0.02
C ILE A 274 -4.84 8.60 -0.92
N ASP A 275 -4.06 9.26 -1.77
CA ASP A 275 -3.20 8.54 -2.71
C ASP A 275 -1.97 7.94 -2.03
N LEU A 276 -1.38 8.68 -1.11
CA LEU A 276 -0.31 8.13 -0.26
C LEU A 276 -0.80 6.88 0.46
N TYR A 277 -2.00 6.95 1.03
CA TYR A 277 -2.56 5.85 1.78
C TYR A 277 -2.78 4.64 0.88
N LYS A 278 -3.41 4.86 -0.27
CA LYS A 278 -3.66 3.76 -1.21
C LYS A 278 -2.36 3.08 -1.68
N LYS A 279 -1.33 3.87 -1.94
CA LYS A 279 -0.07 3.29 -2.40
C LYS A 279 0.71 2.60 -1.29
N PHE A 280 0.80 3.26 -0.14
CA PHE A 280 1.75 2.84 0.91
C PHE A 280 1.19 2.02 2.07
N SER A 281 -0.13 1.95 2.21
CA SER A 281 -0.71 1.31 3.41
C SER A 281 -0.82 -0.21 3.34
N PHE A 282 -0.84 -0.76 2.12
CA PHE A 282 -1.13 -2.17 1.86
C PHE A 282 -2.40 -2.65 2.57
N THR A 283 -3.45 -1.84 2.44
CA THR A 283 -4.79 -2.21 2.81
C THR A 283 -5.63 -2.14 1.54
N ASN A 284 -6.81 -2.73 1.58
CA ASN A 284 -7.84 -2.41 0.61
C ASN A 284 -9.11 -2.24 1.43
N GLN A 285 -9.65 -1.03 1.38
CA GLN A 285 -10.70 -0.62 2.29
C GLN A 285 -12.04 -0.61 1.59
N PRO A 286 -13.13 -0.94 2.31
CA PRO A 286 -14.47 -0.85 1.74
C PRO A 286 -14.87 0.58 1.43
N SER A 287 -14.28 1.53 2.16
CA SER A 287 -14.56 2.96 1.94
C SER A 287 -13.30 3.77 2.17
N TYR A 288 -13.19 4.89 1.48
CA TYR A 288 -12.08 5.82 1.70
C TYR A 288 -12.51 7.21 2.16
N SER A 289 -13.65 7.28 2.84
CA SER A 289 -14.03 8.50 3.53
C SER A 289 -13.04 8.68 4.68
N LEU A 290 -12.73 9.93 5.00
CA LEU A 290 -11.81 10.20 6.10
C LEU A 290 -12.34 9.61 7.41
N ASP A 291 -13.66 9.71 7.62
CA ASP A 291 -14.31 9.10 8.78
C ASP A 291 -13.96 7.63 8.88
N TYR A 292 -14.14 6.90 7.77
CA TYR A 292 -13.91 5.47 7.76
C TYR A 292 -12.46 5.13 8.06
N ILE A 293 -11.54 5.84 7.39
CA ILE A 293 -10.11 5.54 7.50
C ILE A 293 -9.59 5.92 8.89
N SER A 294 -10.06 7.05 9.42
CA SER A 294 -9.68 7.50 10.76
C SER A 294 -10.12 6.53 11.83
N GLU A 295 -11.34 6.00 11.68
CA GLU A 295 -11.84 4.98 12.59
C GLU A 295 -10.95 3.73 12.51
N PHE A 296 -10.64 3.30 11.30
CA PHE A 296 -9.79 2.12 11.10
C PHE A 296 -8.38 2.30 11.69
N GLU A 297 -7.77 3.46 11.44
CA GLU A 297 -6.38 3.68 11.80
C GLU A 297 -6.20 4.09 13.25
N LEU A 298 -7.13 4.89 13.76
CA LEU A 298 -6.96 5.58 15.04
C LEU A 298 -7.93 5.13 16.12
N ASN A 299 -8.95 4.36 15.73
CA ASN A 299 -10.03 3.95 16.65
CA ASN A 299 -10.03 3.96 16.64
C ASN A 299 -10.75 5.15 17.26
N VAL A 300 -10.91 6.22 16.47
CA VAL A 300 -11.70 7.38 16.85
C VAL A 300 -13.08 7.25 16.24
N GLY A 301 -14.11 7.69 16.96
CA GLY A 301 -15.49 7.58 16.47
C GLY A 301 -15.79 8.59 15.37
N LYS A 302 -16.75 8.26 14.51
CA LYS A 302 -17.19 9.18 13.45
C LYS A 302 -17.66 10.51 14.05
N LEU A 303 -17.43 11.60 13.32
CA LEU A 303 -17.96 12.89 13.72
C LEU A 303 -19.45 12.95 13.42
N LYS A 304 -20.27 12.86 14.46
CA LYS A 304 -21.71 12.82 14.29
C LYS A 304 -22.31 14.23 14.20
N TYR A 305 -23.30 14.38 13.33
CA TYR A 305 -24.11 15.59 13.26
C TYR A 305 -25.51 15.25 12.75
N ASP A 306 -26.48 16.08 13.11
CA ASP A 306 -27.85 15.93 12.65
C ASP A 306 -28.04 16.54 11.25
N GLY A 307 -28.84 15.86 10.43
CA GLY A 307 -29.18 16.36 9.10
C GLY A 307 -28.03 16.36 8.10
N PRO A 308 -28.32 16.72 6.83
CA PRO A 308 -27.32 16.70 5.76
C PRO A 308 -26.24 17.75 5.94
N ILE A 309 -25.08 17.53 5.30
CA ILE A 309 -23.97 18.50 5.36
C ILE A 309 -24.35 19.84 4.69
N SER A 310 -25.30 19.78 3.77
CA SER A 310 -25.75 20.96 3.05
C SER A 310 -26.50 21.95 3.94
N LYS A 311 -26.91 21.48 5.11
CA LYS A 311 -27.62 22.33 6.08
C LYS A 311 -26.86 22.49 7.39
N LEU A 312 -25.69 21.86 7.48
CA LEU A 312 -24.94 21.87 8.73
C LEU A 312 -24.46 23.27 9.13
N ARG A 313 -23.96 24.03 8.16
CA ARG A 313 -23.47 25.37 8.46
C ARG A 313 -24.57 26.27 9.03
N GLU A 314 -25.75 26.27 8.41
CA GLU A 314 -26.83 27.13 8.90
C GLU A 314 -27.43 26.63 10.22
N SER A 315 -27.55 25.32 10.38
CA SER A 315 -28.15 24.76 11.59
C SER A 315 -27.18 24.77 12.77
N ASN A 316 -25.90 24.50 12.50
CA ASN A 316 -24.90 24.38 13.57
C ASN A 316 -23.49 24.72 13.09
N HIS A 317 -23.28 26.02 12.82
CA HIS A 317 -21.98 26.56 12.37
C HIS A 317 -20.82 26.24 13.33
N GLN A 318 -21.13 26.24 14.62
CA GLN A 318 -20.16 25.88 15.65
C GLN A 318 -19.54 24.53 15.33
N ARG A 319 -20.37 23.50 15.20
CA ARG A 319 -19.91 22.14 14.88
C ARG A 319 -19.27 22.07 13.50
N TYR A 320 -19.88 22.76 12.54
CA TYR A 320 -19.40 22.80 11.15
C TYR A 320 -17.92 23.15 11.08
N ILE A 321 -17.54 24.24 11.77
CA ILE A 321 -16.14 24.67 11.81
C ILE A 321 -15.27 23.73 12.64
N SER A 322 -15.79 23.28 13.79
CA SER A 322 -15.01 22.35 14.62
C SER A 322 -14.67 21.08 13.85
N TYR A 323 -15.61 20.62 13.03
CA TYR A 323 -15.40 19.41 12.27
C TYR A 323 -14.43 19.60 11.12
N ASN A 324 -14.42 20.79 10.52
CA ASN A 324 -13.39 21.15 9.53
C ASN A 324 -11.98 21.10 10.14
N ILE A 325 -11.82 21.64 11.34
CA ILE A 325 -10.54 21.61 12.06
C ILE A 325 -10.12 20.17 12.42
N ILE A 326 -11.04 19.40 13.01
CA ILE A 326 -10.73 18.01 13.38
C ILE A 326 -10.36 17.15 12.16
N ALA A 327 -11.02 17.39 11.05
CA ALA A 327 -10.71 16.69 9.81
C ALA A 327 -9.25 16.90 9.39
N VAL A 328 -8.74 18.14 9.52
CA VAL A 328 -7.33 18.41 9.18
C VAL A 328 -6.42 17.66 10.16
N TYR A 329 -6.76 17.73 11.45
CA TYR A 329 -5.97 17.06 12.49
C TYR A 329 -5.94 15.54 12.31
N ARG A 330 -7.05 14.97 11.86
CA ARG A 330 -7.11 13.52 11.69
C ARG A 330 -6.09 13.01 10.65
N VAL A 331 -5.92 13.76 9.57
CA VAL A 331 -4.87 13.43 8.60
C VAL A 331 -3.47 13.48 9.24
N LEU A 332 -3.23 14.49 10.07
CA LEU A 332 -1.95 14.58 10.81
C LEU A 332 -1.74 13.41 11.78
N GLN A 333 -2.82 12.96 12.41
CA GLN A 333 -2.75 11.83 13.32
C GLN A 333 -2.42 10.54 12.57
N ILE A 334 -3.10 10.33 11.43
CA ILE A 334 -2.80 9.18 10.57
C ILE A 334 -1.33 9.20 10.14
N ASP A 335 -0.83 10.38 9.77
CA ASP A 335 0.56 10.49 9.35
C ASP A 335 1.54 10.26 10.51
N ALA A 336 1.21 10.75 11.71
CA ALA A 336 2.05 10.46 12.90
C ALA A 336 2.22 8.96 13.08
N LYS A 337 1.16 8.20 12.78
CA LYS A 337 1.19 6.75 12.86
C LYS A 337 1.92 6.11 11.67
N ARG A 338 1.44 6.40 10.45
CA ARG A 338 1.90 5.69 9.25
C ARG A 338 3.22 6.23 8.67
N GLN A 339 3.49 7.51 8.88
CA GLN A 339 4.74 8.15 8.44
C GLN A 339 4.97 8.09 6.92
N PHE A 340 3.89 8.28 6.16
CA PHE A 340 3.98 8.28 4.70
C PHE A 340 4.68 9.51 4.14
N ILE A 341 4.54 10.67 4.80
CA ILE A 341 5.23 11.88 4.31
C ILE A 341 6.75 11.71 4.45
N ASN A 342 7.17 11.25 5.61
CA ASN A 342 8.57 10.89 5.88
C ASN A 342 9.09 9.90 4.84
N LEU A 343 8.31 8.86 4.56
CA LEU A 343 8.66 7.89 3.50
C LEU A 343 8.89 8.54 2.14
N SER A 344 7.97 9.43 1.76
CA SER A 344 8.02 10.09 0.47
C SER A 344 9.27 10.96 0.34
N LEU A 345 9.54 11.73 1.40
CA LEU A 345 10.73 12.59 1.45
C LEU A 345 12.00 11.74 1.35
N ASP A 346 12.08 10.69 2.15
CA ASP A 346 13.20 9.72 2.09
C ASP A 346 13.46 9.22 0.67
N MET A 347 12.41 8.69 0.03
CA MET A 347 12.54 8.07 -1.27
C MET A 347 12.81 9.10 -2.36
N GLY A 348 12.10 10.23 -2.29
CA GLY A 348 12.28 11.32 -3.26
C GLY A 348 13.69 11.88 -3.28
N TYR A 349 14.25 12.15 -2.11
CA TYR A 349 15.57 12.73 -2.02
C TYR A 349 16.66 11.73 -2.38
N TYR A 350 16.44 10.47 -2.01
CA TYR A 350 17.33 9.39 -2.40
C TYR A 350 17.45 9.30 -3.93
N ALA A 351 16.30 9.34 -4.62
CA ALA A 351 16.26 9.23 -6.09
C ALA A 351 16.67 10.51 -6.81
N LYS A 352 16.61 11.65 -6.11
CA LYS A 352 16.78 12.98 -6.71
C LYS A 352 15.72 13.28 -7.76
N ILE A 353 14.46 13.16 -7.34
CA ILE A 353 13.31 13.44 -8.17
C ILE A 353 12.44 14.49 -7.46
N GLN A 354 11.47 15.03 -8.21
CA GLN A 354 10.37 15.76 -7.60
C GLN A 354 9.72 14.82 -6.60
N ILE A 355 9.42 15.30 -5.39
CA ILE A 355 8.86 14.42 -4.35
C ILE A 355 7.61 13.67 -4.84
N GLN A 356 6.73 14.36 -5.58
CA GLN A 356 5.48 13.75 -6.06
C GLN A 356 5.72 12.58 -7.02
N SER A 357 6.92 12.47 -7.57
CA SER A 357 7.31 11.35 -8.43
C SER A 357 7.45 10.01 -7.68
N VAL A 358 7.45 10.04 -6.33
CA VAL A 358 7.49 8.77 -5.56
C VAL A 358 6.32 7.82 -5.90
N PHE A 359 5.21 8.36 -6.43
CA PHE A 359 4.10 7.52 -6.91
C PHE A 359 4.44 6.63 -8.11
N SER A 360 5.52 6.96 -8.82
CA SER A 360 5.93 6.23 -10.04
C SER A 360 7.28 5.51 -9.83
N PRO A 361 7.25 4.17 -9.66
CA PRO A 361 8.51 3.42 -9.59
C PRO A 361 9.36 3.55 -10.86
N ILE A 362 8.73 3.69 -12.02
CA ILE A 362 9.48 3.90 -13.28
C ILE A 362 10.33 5.17 -13.23
N LYS A 363 9.70 6.29 -12.87
CA LYS A 363 10.40 7.56 -12.76
C LYS A 363 11.49 7.49 -11.68
N THR A 364 11.16 6.84 -10.57
CA THR A 364 12.06 6.72 -9.42
C THR A 364 13.32 5.96 -9.82
N TRP A 365 13.14 4.81 -10.46
CA TRP A 365 14.28 4.00 -10.88
C TRP A 365 15.01 4.63 -12.05
N ASP A 366 14.29 5.33 -12.92
CA ASP A 366 14.97 6.03 -14.03
C ASP A 366 15.99 7.01 -13.46
N ALA A 367 15.58 7.78 -12.45
CA ALA A 367 16.46 8.75 -11.80
C ALA A 367 17.59 8.10 -11.00
N ILE A 368 17.28 7.06 -10.23
CA ILE A 368 18.32 6.35 -9.47
C ILE A 368 19.43 5.82 -10.41
N ILE A 369 19.02 5.16 -11.48
CA ILE A 369 19.95 4.57 -12.43
C ILE A 369 20.76 5.63 -13.20
N PHE A 370 20.08 6.71 -13.60
CA PHE A 370 20.75 7.84 -14.29
C PHE A 370 21.83 8.45 -13.42
N ASN A 371 21.49 8.79 -12.17
CA ASN A 371 22.46 9.33 -11.23
C ASN A 371 23.64 8.39 -10.97
N SER A 372 23.35 7.07 -10.91
CA SER A 372 24.39 6.07 -10.71
C SER A 372 25.37 6.01 -11.89
N LEU A 373 24.82 5.94 -13.10
CA LEU A 373 25.60 5.90 -14.33
C LEU A 373 26.40 7.18 -14.59
N LYS A 374 25.76 8.33 -14.34
CA LYS A 374 26.41 9.63 -14.49
C LYS A 374 27.71 9.72 -13.67
N GLU A 375 27.71 9.08 -12.50
CA GLU A 375 28.92 9.00 -11.66
C GLU A 375 30.13 8.39 -12.38
N GLN A 376 29.89 7.48 -13.31
CA GLN A 376 30.96 6.84 -14.07
C GLN A 376 31.22 7.51 -15.42
N ASN A 377 30.62 8.67 -15.64
CA ASN A 377 30.58 9.31 -16.96
C ASN A 377 29.90 8.44 -18.04
N LYS A 378 29.02 7.53 -17.62
CA LYS A 378 28.26 6.73 -18.57
C LYS A 378 26.98 7.44 -18.98
N VAL A 379 26.47 7.07 -20.15
CA VAL A 379 25.38 7.78 -20.80
C VAL A 379 24.19 6.87 -21.04
N ILE A 380 23.03 7.29 -20.54
CA ILE A 380 21.83 6.46 -20.56
C ILE A 380 21.27 6.37 -21.99
N PRO A 381 20.69 5.21 -22.37
CA PRO A 381 20.11 5.11 -23.73
C PRO A 381 18.84 5.94 -23.85
N GLN A 382 18.47 6.29 -25.08
CA GLN A 382 17.19 6.96 -25.33
C GLN A 382 16.02 6.00 -25.04
N GLY A 383 14.94 6.56 -24.49
CA GLY A 383 13.72 5.79 -24.31
C GLY A 383 13.11 5.44 -25.66
N ARG A 384 12.56 4.24 -25.78
CA ARG A 384 11.98 3.77 -27.04
C ARG A 384 10.54 3.30 -26.86
N SER A 385 9.84 3.24 -28.00
CA SER A 385 8.49 2.73 -28.08
C SER A 385 8.52 1.19 -28.10
N HIS A 386 7.65 0.56 -27.31
CA HIS A 386 7.47 -0.90 -27.39
C HIS A 386 5.99 -1.26 -27.32
N PRO A 387 5.56 -2.25 -28.14
CA PRO A 387 4.19 -2.74 -28.03
C PRO A 387 4.05 -3.59 -26.77
N VAL A 388 2.91 -3.49 -26.11
CA VAL A 388 2.63 -4.28 -24.91
C VAL A 388 2.54 -5.76 -25.31
N GLN A 389 3.38 -6.59 -24.69
CA GLN A 389 3.39 -8.03 -24.93
C GLN A 389 3.28 -8.77 -23.59
N PRO A 390 2.42 -9.79 -23.53
CA PRO A 390 2.35 -10.62 -22.32
C PRO A 390 3.63 -11.41 -22.13
N TYR A 391 3.94 -11.76 -20.88
CA TYR A 391 5.09 -12.61 -20.57
C TYR A 391 4.83 -13.43 -19.31
N PRO A 392 5.53 -14.57 -19.15
CA PRO A 392 5.23 -15.50 -18.05
C PRO A 392 5.74 -15.04 -16.69
N GLY A 393 5.06 -15.48 -15.65
CA GLY A 393 5.36 -15.07 -14.28
C GLY A 393 5.79 -16.24 -13.42
N ALA A 394 5.19 -16.30 -12.24
CA ALA A 394 5.58 -17.29 -11.24
C ALA A 394 4.92 -18.66 -11.45
N PHE A 395 5.47 -19.67 -10.79
CA PHE A 395 4.83 -20.97 -10.65
C PHE A 395 4.09 -21.03 -9.32
N VAL A 396 2.89 -21.61 -9.37
CA VAL A 396 2.09 -21.87 -8.16
C VAL A 396 1.70 -23.37 -8.19
N LYS A 397 2.02 -24.09 -7.11
CA LYS A 397 1.73 -25.53 -7.03
C LYS A 397 0.26 -25.73 -6.71
N GLU A 398 -0.38 -26.71 -7.37
CA GLU A 398 -1.75 -27.06 -7.07
C GLU A 398 -1.79 -27.93 -5.81
N PRO A 399 -2.38 -27.39 -4.69
CA PRO A 399 -2.43 -28.21 -3.48
C PRO A 399 -3.58 -29.22 -3.51
N ILE A 400 -3.39 -30.35 -2.81
CA ILE A 400 -4.48 -31.28 -2.57
C ILE A 400 -5.33 -30.66 -1.46
N PRO A 401 -6.60 -30.31 -1.76
CA PRO A 401 -7.44 -29.74 -0.71
C PRO A 401 -7.61 -30.72 0.43
N ASN A 402 -7.33 -30.25 1.65
CA ASN A 402 -7.29 -31.12 2.83
C ASN A 402 -7.03 -30.28 4.07
N ARG A 403 -7.22 -30.89 5.23
CA ARG A 403 -6.63 -30.39 6.45
C ARG A 403 -5.15 -30.77 6.41
N TYR A 404 -4.32 -29.94 7.06
CA TYR A 404 -2.90 -30.21 7.24
C TYR A 404 -2.57 -29.82 8.67
N LYS A 405 -2.23 -30.83 9.49
CA LYS A 405 -2.11 -30.66 10.93
C LYS A 405 -0.91 -29.80 11.34
N TYR A 406 0.29 -30.27 11.02
CA TYR A 406 1.53 -29.57 11.33
C TYR A 406 2.18 -29.08 10.04
N VAL A 407 2.49 -27.79 10.01
CA VAL A 407 3.07 -27.17 8.81
C VAL A 407 4.20 -26.23 9.17
N MET A 408 5.29 -26.33 8.41
CA MET A 408 6.36 -25.34 8.46
C MET A 408 6.53 -24.75 7.07
N SER A 409 6.57 -23.42 7.01
CA SER A 409 6.77 -22.75 5.73
C SER A 409 8.11 -22.05 5.65
N PHE A 410 8.59 -21.91 4.41
CA PHE A 410 9.85 -21.25 4.10
C PHE A 410 9.64 -20.43 2.83
N ASP A 411 10.27 -19.26 2.76
CA ASP A 411 10.29 -18.52 1.50
C ASP A 411 11.54 -17.67 1.34
N LEU A 412 11.88 -17.34 0.09
CA LEU A 412 13.08 -16.57 -0.23
C LEU A 412 12.99 -15.13 0.28
N THR A 413 14.06 -14.65 0.89
CA THR A 413 14.19 -13.23 1.19
C THR A 413 14.30 -12.42 -0.10
N SER A 414 13.44 -11.41 -0.24
CA SER A 414 13.42 -10.53 -1.41
C SER A 414 13.69 -11.31 -2.69
N ALA A 415 12.78 -12.21 -3.03
CA ALA A 415 12.97 -13.19 -4.11
C ALA A 415 13.47 -12.58 -5.44
N TYR A 416 12.65 -11.74 -6.08
CA TYR A 416 13.01 -11.21 -7.40
C TYR A 416 14.25 -10.33 -7.37
N PRO A 417 14.36 -9.40 -6.39
CA PRO A 417 15.61 -8.66 -6.30
C PRO A 417 16.82 -9.55 -6.05
N SER A 418 16.67 -10.59 -5.24
CA SER A 418 17.77 -11.53 -5.01
C SER A 418 18.17 -12.29 -6.28
N ILE A 419 17.19 -12.63 -7.11
CA ILE A 419 17.47 -13.27 -8.40
C ILE A 419 18.25 -12.36 -9.34
N ILE A 420 17.84 -11.09 -9.40
CA ILE A 420 18.56 -10.06 -10.16
C ILE A 420 20.02 -9.98 -9.76
N ARG A 421 20.28 -9.97 -8.46
CA ARG A 421 21.64 -9.84 -7.95
C ARG A 421 22.42 -11.13 -8.22
N GLN A 422 21.78 -12.26 -7.95
CA GLN A 422 22.44 -13.55 -8.12
C GLN A 422 22.84 -13.81 -9.58
N VAL A 423 21.91 -13.57 -10.50
CA VAL A 423 22.13 -13.86 -11.93
C VAL A 423 22.94 -12.75 -12.60
N ASN A 424 22.90 -11.55 -12.01
CA ASN A 424 23.48 -10.32 -12.55
C ASN A 424 22.68 -9.80 -13.75
N ILE A 425 21.37 -9.70 -13.58
CA ILE A 425 20.46 -9.29 -14.65
C ILE A 425 20.40 -7.76 -14.78
N SER A 426 20.80 -7.26 -15.95
CA SER A 426 20.89 -5.82 -16.17
C SER A 426 20.89 -5.56 -17.67
N PRO A 427 20.49 -4.34 -18.11
CA PRO A 427 20.50 -4.08 -19.56
C PRO A 427 21.88 -4.28 -20.17
N GLU A 428 22.95 -3.89 -19.44
CA GLU A 428 24.29 -3.85 -20.00
C GLU A 428 25.15 -5.09 -19.69
N THR A 429 24.58 -6.07 -18.99
CA THR A 429 25.32 -7.28 -18.65
C THR A 429 24.92 -8.48 -19.50
N ILE A 430 24.01 -8.28 -20.46
CA ILE A 430 23.62 -9.37 -21.37
C ILE A 430 24.85 -9.82 -22.17
N ALA A 431 25.11 -11.11 -22.13
CA ALA A 431 26.30 -11.71 -22.74
C ALA A 431 25.93 -12.57 -23.95
N GLY A 432 24.65 -12.92 -24.07
CA GLY A 432 24.22 -13.76 -25.17
C GLY A 432 23.13 -14.71 -24.75
N THR A 433 22.94 -15.78 -25.53
CA THR A 433 21.90 -16.76 -25.26
C THR A 433 22.48 -18.17 -25.32
N PHE A 434 21.78 -19.13 -24.71
CA PHE A 434 22.09 -20.53 -24.86
C PHE A 434 20.83 -21.26 -25.28
N LYS A 435 21.00 -22.46 -25.82
CA LYS A 435 19.87 -23.26 -26.29
C LYS A 435 19.12 -23.91 -25.12
N VAL A 436 17.85 -23.55 -24.97
CA VAL A 436 17.08 -23.92 -23.78
C VAL A 436 16.48 -25.31 -23.86
N ALA A 437 16.48 -26.00 -22.72
CA ALA A 437 15.80 -27.28 -22.57
C ALA A 437 14.48 -27.02 -21.88
N PRO A 438 13.53 -27.97 -21.94
CA PRO A 438 12.29 -27.79 -21.16
C PRO A 438 12.62 -27.50 -19.69
N LEU A 439 11.83 -26.63 -19.07
CA LEU A 439 12.07 -26.21 -17.69
C LEU A 439 12.31 -27.37 -16.73
N HIS A 440 11.49 -28.41 -16.84
CA HIS A 440 11.58 -29.58 -15.97
CA HIS A 440 11.60 -29.55 -15.92
C HIS A 440 12.93 -30.28 -16.03
N ASP A 441 13.62 -30.14 -17.16
CA ASP A 441 14.97 -30.72 -17.32
C ASP A 441 15.99 -30.00 -16.42
N TYR A 442 15.83 -28.68 -16.24
CA TYR A 442 16.67 -27.95 -15.30
C TYR A 442 16.26 -28.24 -13.86
N ILE A 443 14.96 -28.26 -13.61
CA ILE A 443 14.42 -28.57 -12.28
C ILE A 443 14.97 -29.90 -11.76
N ASN A 444 15.02 -30.90 -12.63
CA ASN A 444 15.51 -32.22 -12.24
C ASN A 444 17.00 -32.43 -12.52
N ALA A 445 17.67 -31.37 -12.94
CA ALA A 445 19.13 -31.36 -13.13
C ALA A 445 19.61 -32.37 -14.17
N VAL A 446 18.82 -32.58 -15.22
CA VAL A 446 19.23 -33.48 -16.31
C VAL A 446 19.68 -32.71 -17.56
N ALA A 447 19.31 -31.45 -17.64
CA ALA A 447 19.72 -30.64 -18.79
C ALA A 447 21.20 -30.36 -18.76
N GLU A 448 21.78 -30.21 -19.95
CA GLU A 448 23.16 -29.76 -20.14
C GLU A 448 23.37 -28.44 -19.42
N ARG A 449 24.53 -28.30 -18.75
CA ARG A 449 24.89 -27.05 -18.09
C ARG A 449 24.88 -25.91 -19.11
N PRO A 450 24.09 -24.85 -18.86
CA PRO A 450 23.94 -23.75 -19.84
C PRO A 450 25.25 -23.10 -20.30
N SER A 451 26.16 -22.81 -19.37
CA SER A 451 27.40 -22.09 -19.69
C SER A 451 28.50 -22.37 -18.67
N ASP A 452 29.73 -22.44 -19.18
CA ASP A 452 30.94 -22.52 -18.36
C ASP A 452 31.64 -21.17 -18.27
N VAL A 453 30.96 -20.12 -18.72
CA VAL A 453 31.59 -18.79 -18.79
C VAL A 453 30.73 -17.72 -18.15
N TYR A 454 29.42 -17.77 -18.43
CA TYR A 454 28.49 -16.72 -18.06
C TYR A 454 27.44 -17.21 -17.06
N SER A 455 26.79 -16.25 -16.41
CA SER A 455 25.73 -16.51 -15.41
C SER A 455 24.37 -16.60 -16.11
N CYS A 456 23.62 -17.65 -15.80
CA CYS A 456 22.46 -18.01 -16.64
C CYS A 456 21.11 -18.09 -15.94
N SER A 457 20.06 -17.85 -16.71
CA SER A 457 18.70 -18.09 -16.28
C SER A 457 18.14 -19.12 -17.25
N PRO A 458 17.27 -20.03 -16.77
CA PRO A 458 16.71 -21.08 -17.63
C PRO A 458 15.75 -20.59 -18.74
N ASN A 459 15.58 -19.27 -18.90
CA ASN A 459 14.89 -18.74 -20.08
C ASN A 459 15.82 -18.63 -21.30
N GLY A 460 17.10 -18.96 -21.12
CA GLY A 460 18.08 -18.91 -22.22
C GLY A 460 19.06 -17.76 -22.19
N MET A 461 18.92 -16.87 -21.22
CA MET A 461 19.78 -15.68 -21.17
C MET A 461 21.06 -15.95 -20.41
N MET A 462 22.15 -15.34 -20.88
CA MET A 462 23.46 -15.39 -20.21
C MET A 462 23.95 -13.98 -19.88
N TYR A 463 24.64 -13.86 -18.75
CA TYR A 463 25.07 -12.55 -18.25
C TYR A 463 26.55 -12.54 -17.86
N TYR A 464 27.21 -11.40 -18.03
CA TYR A 464 28.61 -11.24 -17.65
C TYR A 464 28.79 -11.52 -16.17
N LYS A 465 29.96 -12.06 -15.83
CA LYS A 465 30.32 -12.32 -14.43
C LYS A 465 31.46 -11.44 -13.90
N ASP A 466 32.06 -10.61 -14.76
CA ASP A 466 33.26 -9.89 -14.38
C ASP A 466 32.97 -8.66 -13.49
N ARG A 467 31.74 -8.16 -13.56
CA ARG A 467 31.37 -6.92 -12.89
C ARG A 467 29.85 -6.85 -12.73
N ASP A 468 29.40 -6.23 -11.65
CA ASP A 468 27.96 -6.08 -11.38
C ASP A 468 27.32 -5.09 -12.33
N GLY A 469 26.13 -5.42 -12.81
CA GLY A 469 25.32 -4.47 -13.58
C GLY A 469 24.81 -3.35 -12.70
N VAL A 470 24.40 -2.25 -13.34
CA VAL A 470 23.86 -1.11 -12.60
C VAL A 470 22.55 -1.47 -11.88
N VAL A 471 21.74 -2.35 -12.46
CA VAL A 471 20.48 -2.77 -11.81
C VAL A 471 20.76 -3.58 -10.53
N PRO A 472 21.59 -4.66 -10.62
CA PRO A 472 22.03 -5.31 -9.39
C PRO A 472 22.66 -4.35 -8.37
N THR A 473 23.53 -3.45 -8.82
CA THR A 473 24.20 -2.51 -7.91
C THR A 473 23.20 -1.62 -7.15
N GLU A 474 22.28 -1.01 -7.89
CA GLU A 474 21.32 -0.09 -7.28
C GLU A 474 20.21 -0.77 -6.51
N ILE A 475 19.80 -1.96 -6.96
CA ILE A 475 18.77 -2.72 -6.24
C ILE A 475 19.29 -3.19 -4.87
N THR A 476 20.59 -3.48 -4.79
CA THR A 476 21.24 -3.95 -3.55
C THR A 476 21.24 -2.85 -2.48
N LYS A 477 21.46 -1.62 -2.92
CA LYS A 477 21.46 -0.46 -2.02
C LYS A 477 20.10 -0.26 -1.36
N VAL A 478 19.02 -0.31 -2.13
CA VAL A 478 17.68 -0.19 -1.54
C VAL A 478 17.29 -1.43 -0.73
N PHE A 479 17.68 -2.61 -1.23
CA PHE A 479 17.51 -3.84 -0.43
C PHE A 479 18.14 -3.74 0.97
N ASN A 480 19.38 -3.27 1.03
CA ASN A 480 20.05 -3.10 2.34
C ASN A 480 19.29 -2.16 3.30
N GLN A 481 18.73 -1.07 2.76
CA GLN A 481 17.85 -0.20 3.52
C GLN A 481 16.63 -0.95 4.05
N ARG A 482 15.95 -1.68 3.16
CA ARG A 482 14.76 -2.46 3.52
C ARG A 482 15.08 -3.41 4.67
N LYS A 483 16.20 -4.13 4.54
CA LYS A 483 16.63 -5.10 5.53
C LYS A 483 16.85 -4.46 6.90
N GLU A 484 17.44 -3.26 6.92
CA GLU A 484 17.63 -2.54 8.19
C GLU A 484 16.26 -2.23 8.85
N HIS A 485 15.34 -1.66 8.09
CA HIS A 485 14.04 -1.27 8.66
C HIS A 485 13.20 -2.46 9.08
N LYS A 486 13.26 -3.53 8.31
CA LYS A 486 12.59 -4.77 8.69
C LYS A 486 13.11 -5.30 10.04
N GLY A 487 14.42 -5.24 10.26
CA GLY A 487 15.01 -5.57 11.55
C GLY A 487 14.34 -4.83 12.71
N TYR A 488 14.21 -3.51 12.58
CA TYR A 488 13.54 -2.67 13.57
C TYR A 488 12.08 -3.06 13.75
N MET A 489 11.41 -3.34 12.63
CA MET A 489 10.01 -3.74 12.66
C MET A 489 9.81 -5.03 13.45
N LEU A 490 10.65 -6.03 13.18
CA LEU A 490 10.53 -7.33 13.86
C LEU A 490 10.94 -7.25 15.33
N ALA A 491 11.96 -6.47 15.63
CA ALA A 491 12.32 -6.24 17.05
C ALA A 491 11.14 -5.62 17.81
N ALA A 492 10.50 -4.60 17.23
CA ALA A 492 9.34 -3.95 17.87
C ALA A 492 8.19 -4.94 18.07
N GLN A 493 8.05 -5.84 17.12
CA GLN A 493 7.03 -6.89 17.18
C GLN A 493 7.31 -7.88 18.33
N ARG A 494 8.55 -8.37 18.42
CA ARG A 494 8.96 -9.26 19.51
C ARG A 494 8.82 -8.57 20.87
N ASN A 495 9.19 -7.30 20.92
CA ASN A 495 9.04 -6.51 22.15
C ASN A 495 7.57 -6.40 22.55
N GLY A 496 6.68 -6.22 21.57
CA GLY A 496 5.23 -6.23 21.83
C GLY A 496 4.75 -7.52 22.51
N GLU A 497 5.21 -8.67 22.02
CA GLU A 497 4.86 -9.96 22.62
C GLU A 497 5.31 -10.11 24.08
N ILE A 498 6.51 -9.61 24.39
CA ILE A 498 7.01 -9.59 25.78
C ILE A 498 6.02 -8.85 26.70
N ILE A 499 5.57 -7.69 26.26
CA ILE A 499 4.59 -6.88 26.99
C ILE A 499 3.24 -7.57 27.14
N LYS A 500 2.74 -8.16 26.06
CA LYS A 500 1.51 -8.95 26.12
C LYS A 500 1.61 -10.07 27.18
N GLU A 501 2.76 -10.75 27.21
CA GLU A 501 3.00 -11.79 28.21
C GLU A 501 2.93 -11.22 29.62
N ALA A 502 3.60 -10.10 29.83
CA ALA A 502 3.65 -9.44 31.14
C ALA A 502 2.27 -8.96 31.59
N LEU A 503 1.44 -8.56 30.63
CA LEU A 503 0.07 -8.12 30.91
C LEU A 503 -0.83 -9.17 31.54
N HIS A 504 -0.41 -10.44 31.51
CA HIS A 504 -1.15 -11.50 32.20
C HIS A 504 -1.05 -11.34 33.72
N ASN A 505 0.06 -10.78 34.17
CA ASN A 505 0.29 -10.55 35.59
C ASN A 505 0.67 -9.10 35.93
N PRO A 506 -0.26 -8.15 35.73
CA PRO A 506 0.09 -6.75 36.00
C PRO A 506 0.20 -6.46 37.50
N ASN A 507 1.06 -5.51 37.86
CA ASN A 507 1.27 -5.16 39.27
C ASN A 507 0.34 -4.06 39.76
N LEU A 508 -0.10 -4.18 41.01
CA LEU A 508 -0.96 -3.17 41.60
C LEU A 508 -0.12 -2.06 42.20
N SER A 509 0.25 -1.12 41.33
CA SER A 509 1.12 0.00 41.71
C SER A 509 0.89 1.19 40.78
N VAL A 510 1.39 2.34 41.18
CA VAL A 510 1.39 3.53 40.33
C VAL A 510 2.83 3.76 39.87
N ASP A 511 3.02 3.79 38.55
CA ASP A 511 4.33 3.90 37.95
C ASP A 511 4.24 4.49 36.54
N GLU A 512 5.37 4.49 35.83
CA GLU A 512 5.46 5.07 34.49
C GLU A 512 5.90 4.03 33.46
N PRO A 513 5.58 4.25 32.17
CA PRO A 513 6.17 3.43 31.12
C PRO A 513 7.68 3.66 31.06
N LEU A 514 8.44 2.61 30.77
CA LEU A 514 9.90 2.70 30.65
C LEU A 514 10.28 3.49 29.40
N ASP A 515 11.31 4.33 29.51
CA ASP A 515 11.85 5.04 28.34
C ASP A 515 12.81 4.12 27.59
N VAL A 516 12.32 3.48 26.53
CA VAL A 516 13.11 2.52 25.79
C VAL A 516 13.03 2.72 24.28
N ASP A 517 14.02 2.20 23.56
CA ASP A 517 13.97 2.16 22.09
C ASP A 517 13.40 0.83 21.61
N TYR A 518 12.14 0.87 21.15
CA TYR A 518 11.43 -0.35 20.78
C TYR A 518 11.98 -1.03 19.52
N ARG A 519 12.82 -0.33 18.77
CA ARG A 519 13.45 -0.89 17.58
C ARG A 519 14.50 -1.95 17.89
N PHE A 520 14.86 -2.08 19.18
CA PHE A 520 15.87 -3.04 19.62
C PHE A 520 15.31 -3.98 20.70
N ASP A 521 15.63 -5.27 20.56
CA ASP A 521 15.18 -6.30 21.50
C ASP A 521 15.45 -5.88 22.94
N PHE A 522 14.44 -5.98 23.79
CA PHE A 522 14.57 -5.61 25.20
C PHE A 522 15.69 -6.41 25.87
N SER A 523 16.51 -5.70 26.65
CA SER A 523 17.53 -6.33 27.47
C SER A 523 16.90 -7.08 28.65
N ASP A 524 17.70 -7.90 29.32
CA ASP A 524 17.28 -8.59 30.54
C ASP A 524 16.77 -7.62 31.62
N GLU A 525 17.47 -6.51 31.80
CA GLU A 525 17.10 -5.50 32.79
C GLU A 525 15.72 -4.91 32.48
N ILE A 526 15.50 -4.56 31.21
CA ILE A 526 14.21 -4.05 30.77
C ILE A 526 13.11 -5.08 31.01
N LYS A 527 13.38 -6.33 30.66
CA LYS A 527 12.44 -7.42 30.89
C LYS A 527 12.04 -7.54 32.36
N GLU A 528 13.01 -7.38 33.25
CA GLU A 528 12.75 -7.48 34.69
C GLU A 528 11.83 -6.38 35.20
N LYS A 529 12.07 -5.15 34.75
CA LYS A 529 11.27 -3.99 35.15
C LYS A 529 9.85 -4.11 34.60
N ILE A 530 9.74 -4.63 33.39
CA ILE A 530 8.44 -4.87 32.76
C ILE A 530 7.57 -5.83 33.59
N LYS A 531 8.20 -6.83 34.18
CA LYS A 531 7.50 -7.81 35.02
C LYS A 531 6.98 -7.21 36.33
N LYS A 532 7.41 -5.99 36.64
CA LYS A 532 7.01 -5.30 37.86
C LYS A 532 6.07 -4.11 37.62
N LEU A 533 5.70 -3.88 36.36
CA LEU A 533 4.88 -2.72 35.99
C LEU A 533 3.37 -2.93 36.10
N SER A 534 2.66 -1.83 36.25
CA SER A 534 1.19 -1.81 36.26
C SER A 534 0.61 -2.05 34.86
N ALA A 535 -0.67 -2.44 34.81
CA ALA A 535 -1.41 -2.59 33.55
C ALA A 535 -1.43 -1.31 32.73
N LYS A 536 -1.61 -0.17 33.40
CA LYS A 536 -1.64 1.14 32.74
C LYS A 536 -0.31 1.43 32.02
N SER A 537 0.80 1.26 32.73
CA SER A 537 2.12 1.46 32.13
C SER A 537 2.42 0.44 31.02
N LEU A 538 2.03 -0.82 31.24
CA LEU A 538 2.23 -1.87 30.23
C LEU A 538 1.46 -1.61 28.94
N ASN A 539 0.21 -1.18 29.07
CA ASN A 539 -0.62 -0.86 27.91
C ASN A 539 -0.08 0.32 27.14
N GLU A 540 0.45 1.31 27.85
CA GLU A 540 1.08 2.43 27.18
C GLU A 540 2.32 1.96 26.43
N MET A 541 3.12 1.10 27.07
CA MET A 541 4.31 0.54 26.41
C MET A 541 3.96 -0.30 25.18
N LEU A 542 2.85 -1.03 25.27
CA LEU A 542 2.40 -1.85 24.15
C LEU A 542 2.00 -0.95 22.99
N PHE A 543 1.24 0.11 23.29
CA PHE A 543 0.85 1.09 22.29
C PHE A 543 2.08 1.66 21.59
N ARG A 544 3.09 2.02 22.37
CA ARG A 544 4.34 2.56 21.82
C ARG A 544 5.13 1.54 20.99
N ALA A 545 5.20 0.29 21.47
CA ALA A 545 5.84 -0.80 20.72
C ALA A 545 5.15 -0.98 19.36
N GLN A 546 3.82 -0.95 19.38
CA GLN A 546 3.01 -1.17 18.19
C GLN A 546 3.10 -0.02 17.20
N ARG A 547 3.25 1.20 17.72
CA ARG A 547 3.52 2.35 16.86
C ARG A 547 4.91 2.27 16.23
N THR A 548 5.89 1.80 17.00
CA THR A 548 7.23 1.57 16.47
C THR A 548 7.24 0.50 15.37
N GLU A 549 6.50 -0.59 15.60
CA GLU A 549 6.31 -1.64 14.60
C GLU A 549 5.68 -1.10 13.31
N VAL A 550 4.63 -0.30 13.43
CA VAL A 550 4.00 0.35 12.26
C VAL A 550 5.00 1.23 11.48
N ALA A 551 5.80 2.02 12.19
CA ALA A 551 6.79 2.88 11.53
C ALA A 551 7.80 2.03 10.76
N GLY A 552 8.26 0.93 11.37
CA GLY A 552 9.18 -0.01 10.74
C GLY A 552 8.55 -0.68 9.53
N MET A 553 7.27 -1.07 9.68
CA MET A 553 6.48 -1.66 8.59
C MET A 553 6.42 -0.71 7.38
N THR A 554 6.07 0.55 7.61
CA THR A 554 5.98 1.52 6.51
C THR A 554 7.31 1.61 5.76
N ALA A 555 8.39 1.79 6.51
CA ALA A 555 9.71 1.96 5.94
C ALA A 555 10.20 0.73 5.17
N GLN A 556 9.94 -0.46 5.72
CA GLN A 556 10.41 -1.69 5.09
C GLN A 556 9.57 -2.16 3.91
N ILE A 557 8.25 -2.22 4.07
CA ILE A 557 7.38 -2.81 3.04
C ILE A 557 7.38 -1.97 1.76
N ASN A 558 7.56 -0.66 1.91
CA ASN A 558 7.56 0.20 0.73
C ASN A 558 8.90 0.26 0.02
N ARG A 559 9.96 -0.03 0.75
CA ARG A 559 11.28 -0.22 0.11
C ARG A 559 11.31 -1.57 -0.61
N LYS A 560 10.69 -2.57 0.01
CA LYS A 560 10.44 -3.85 -0.66
C LYS A 560 9.59 -3.64 -1.93
N ALA A 561 8.56 -2.79 -1.83
CA ALA A 561 7.72 -2.52 -2.99
C ALA A 561 8.53 -1.85 -4.10
N LEU A 562 9.42 -0.94 -3.73
CA LEU A 562 10.28 -0.25 -4.71
C LEU A 562 11.19 -1.22 -5.45
N ILE A 563 11.90 -2.07 -4.72
CA ILE A 563 12.81 -3.01 -5.38
C ILE A 563 12.06 -4.06 -6.21
N ASN A 564 10.91 -4.52 -5.70
CA ASN A 564 10.06 -5.41 -6.49
C ASN A 564 9.53 -4.70 -7.74
N GLY A 565 9.36 -3.38 -7.63
CA GLY A 565 8.91 -2.54 -8.75
C GLY A 565 9.95 -2.42 -9.86
N LEU A 566 11.23 -2.51 -9.50
CA LEU A 566 12.31 -2.58 -10.49
C LEU A 566 12.26 -3.87 -11.32
N ALA A 567 12.06 -5.01 -10.66
CA ALA A 567 11.87 -6.28 -11.38
C ALA A 567 10.67 -6.20 -12.32
N GLY A 568 9.58 -5.58 -11.86
CA GLY A 568 8.39 -5.38 -12.70
C GLY A 568 8.58 -4.36 -13.81
N ALA A 569 9.32 -3.29 -13.51
CA ALA A 569 9.60 -2.22 -14.48
C ALA A 569 10.28 -2.75 -15.75
N LEU A 570 11.08 -3.80 -15.62
CA LEU A 570 11.75 -4.42 -16.77
C LEU A 570 10.73 -4.99 -17.77
N GLY A 571 9.50 -5.23 -17.30
CA GLY A 571 8.42 -5.68 -18.17
C GLY A 571 7.33 -4.63 -18.36
N ASN A 572 7.70 -3.36 -18.18
CA ASN A 572 6.80 -2.23 -18.42
C ASN A 572 7.33 -1.41 -19.59
N VAL A 573 6.51 -1.25 -20.63
CA VAL A 573 6.96 -0.62 -21.88
C VAL A 573 7.40 0.85 -21.75
N TRP A 574 7.01 1.50 -20.67
CA TRP A 574 7.40 2.90 -20.45
C TRP A 574 8.76 3.06 -19.76
N PHE A 575 9.35 1.94 -19.32
CA PHE A 575 10.65 1.95 -18.65
C PHE A 575 11.76 2.08 -19.68
N ARG A 576 12.71 2.96 -19.40
CA ARG A 576 13.87 3.15 -20.25
C ARG A 576 14.59 1.83 -20.51
N TYR A 577 14.56 0.93 -19.53
CA TYR A 577 15.32 -0.34 -19.61
C TYR A 577 14.40 -1.55 -19.79
N TYR A 578 13.21 -1.30 -20.32
CA TYR A 578 12.29 -2.37 -20.71
C TYR A 578 13.02 -3.40 -21.55
N ASP A 579 12.92 -4.66 -21.14
CA ASP A 579 13.50 -5.77 -21.88
C ASP A 579 12.85 -7.05 -21.40
N LEU A 580 11.99 -7.63 -22.24
CA LEU A 580 11.31 -8.88 -21.91
C LEU A 580 12.27 -10.04 -21.69
N ARG A 581 13.47 -9.95 -22.25
CA ARG A 581 14.49 -10.97 -22.01
C ARG A 581 14.90 -10.94 -20.55
N ASN A 582 15.08 -9.75 -20.00
CA ASN A 582 15.45 -9.62 -18.58
C ASN A 582 14.27 -9.89 -17.65
N ALA A 583 13.09 -9.34 -17.98
CA ALA A 583 11.90 -9.60 -17.18
C ALA A 583 11.62 -11.11 -17.03
N THR A 584 11.71 -11.82 -18.14
CA THR A 584 11.44 -13.26 -18.18
C THR A 584 12.58 -14.08 -17.57
N ALA A 585 13.81 -13.57 -17.67
CA ALA A 585 14.94 -14.21 -16.98
C ALA A 585 14.70 -14.32 -15.49
N ILE A 586 14.13 -13.26 -14.91
CA ILE A 586 13.77 -13.23 -13.48
C ILE A 586 12.68 -14.25 -13.17
N THR A 587 11.58 -14.16 -13.91
CA THR A 587 10.41 -14.95 -13.57
C THR A 587 10.67 -16.43 -13.83
N THR A 588 11.43 -16.74 -14.89
CA THR A 588 11.69 -18.13 -15.25
C THR A 588 12.67 -18.78 -14.26
N PHE A 589 13.70 -18.02 -13.85
CA PHE A 589 14.59 -18.45 -12.76
C PHE A 589 13.79 -18.77 -11.51
N GLY A 590 12.83 -17.91 -11.18
CA GLY A 590 11.97 -18.12 -10.00
C GLY A 590 11.18 -19.42 -10.05
N GLN A 591 10.63 -19.75 -11.22
CA GLN A 591 9.89 -20.99 -11.40
C GLN A 591 10.79 -22.18 -11.16
N MET A 592 12.01 -22.08 -11.69
CA MET A 592 13.00 -23.13 -11.50
C MET A 592 13.37 -23.28 -10.04
N ALA A 593 13.65 -22.15 -9.38
CA ALA A 593 14.12 -22.15 -7.99
C ALA A 593 13.12 -22.86 -7.07
N LEU A 594 11.85 -22.53 -7.24
CA LEU A 594 10.79 -23.11 -6.42
C LEU A 594 10.71 -24.63 -6.61
N GLN A 595 10.64 -25.06 -7.86
CA GLN A 595 10.46 -26.47 -8.17
C GLN A 595 11.74 -27.29 -7.89
N TRP A 596 12.90 -26.67 -8.13
CA TRP A 596 14.18 -27.25 -7.74
C TRP A 596 14.20 -27.54 -6.24
N ILE A 597 13.90 -26.53 -5.42
CA ILE A 597 13.97 -26.69 -3.97
C ILE A 597 12.87 -27.58 -3.42
N GLU A 598 11.70 -27.60 -4.07
CA GLU A 598 10.66 -28.56 -3.70
C GLU A 598 11.22 -29.98 -3.80
N ARG A 599 11.93 -30.25 -4.89
CA ARG A 599 12.55 -31.54 -5.11
C ARG A 599 13.56 -31.86 -4.01
N LYS A 600 14.43 -30.89 -3.71
CA LYS A 600 15.50 -31.07 -2.72
C LYS A 600 14.95 -31.33 -1.31
N VAL A 601 13.92 -30.59 -0.94
CA VAL A 601 13.29 -30.73 0.38
C VAL A 601 12.62 -32.10 0.50
N ASN A 602 11.87 -32.50 -0.53
CA ASN A 602 11.30 -33.86 -0.59
C ASN A 602 12.36 -34.95 -0.45
N GLU A 603 13.43 -34.83 -1.23
CA GLU A 603 14.53 -35.79 -1.18
C GLU A 603 15.17 -35.85 0.21
N TYR A 604 15.41 -34.69 0.81
CA TYR A 604 16.00 -34.62 2.15
C TYR A 604 15.12 -35.30 3.20
N LEU A 605 13.83 -35.01 3.16
CA LEU A 605 12.92 -35.50 4.19
C LEU A 605 12.59 -36.99 4.06
N ASN A 606 12.46 -37.47 2.82
CA ASN A 606 12.32 -38.90 2.58
C ASN A 606 13.52 -39.67 3.09
N GLU A 607 14.70 -39.08 2.94
CA GLU A 607 15.95 -39.62 3.49
C GLU A 607 15.86 -39.73 5.01
N VAL A 608 15.64 -38.62 5.71
CA VAL A 608 15.57 -38.63 7.17
C VAL A 608 14.41 -39.47 7.75
N CYS A 609 13.34 -39.64 6.97
CA CYS A 609 12.21 -40.47 7.41
C CYS A 609 12.29 -41.93 6.93
N GLY A 610 13.22 -42.19 6.02
CA GLY A 610 13.43 -43.53 5.48
C GLY A 610 12.33 -43.99 4.53
N THR A 611 11.71 -43.04 3.84
CA THR A 611 10.62 -43.34 2.90
C THR A 611 11.05 -43.16 1.43
N GLU A 612 10.08 -43.26 0.53
CA GLU A 612 10.33 -43.15 -0.91
C GLU A 612 9.13 -42.56 -1.64
N GLY A 613 9.38 -41.50 -2.40
CA GLY A 613 8.35 -40.87 -3.24
C GLY A 613 7.26 -40.10 -2.53
N GLU A 614 7.40 -39.93 -1.21
CA GLU A 614 6.44 -39.18 -0.40
C GLU A 614 6.59 -37.66 -0.54
N ALA A 615 5.45 -36.99 -0.69
CA ALA A 615 5.41 -35.54 -0.86
C ALA A 615 5.30 -34.79 0.47
N PHE A 616 6.41 -34.21 0.91
CA PHE A 616 6.41 -33.39 2.12
C PHE A 616 6.01 -31.95 1.82
N VAL A 617 6.44 -31.45 0.66
CA VAL A 617 6.01 -30.13 0.21
C VAL A 617 4.59 -30.24 -0.35
N LEU A 618 3.63 -29.62 0.34
CA LEU A 618 2.21 -29.76 0.00
C LEU A 618 1.72 -28.60 -0.87
N TYR A 619 2.51 -27.53 -0.90
CA TYR A 619 2.11 -26.28 -1.55
C TYR A 619 3.30 -25.36 -1.72
N GLY A 620 3.17 -24.43 -2.67
CA GLY A 620 4.17 -23.42 -2.93
C GLY A 620 3.63 -22.36 -3.87
N ASP A 621 4.05 -21.12 -3.66
CA ASP A 621 3.58 -20.02 -4.50
C ASP A 621 4.74 -19.06 -4.72
N THR A 622 5.25 -19.07 -5.96
CA THR A 622 6.30 -18.15 -6.43
C THR A 622 7.70 -18.45 -5.85
N ASP A 623 7.84 -18.36 -4.53
CA ASP A 623 9.13 -18.46 -3.87
C ASP A 623 9.03 -19.10 -2.48
N SER A 624 7.92 -19.78 -2.23
CA SER A 624 7.63 -20.33 -0.90
C SER A 624 7.33 -21.81 -0.97
N ILE A 625 7.63 -22.53 0.11
CA ILE A 625 7.18 -23.92 0.27
C ILE A 625 6.51 -24.12 1.61
N TYR A 626 5.51 -25.00 1.61
CA TYR A 626 4.80 -25.41 2.81
C TYR A 626 5.05 -26.89 3.02
N VAL A 627 5.69 -27.20 4.14
CA VAL A 627 6.16 -28.54 4.43
C VAL A 627 5.32 -29.17 5.54
N SER A 628 4.77 -30.34 5.26
CA SER A 628 4.06 -31.12 6.27
C SER A 628 5.06 -31.63 7.31
N ALA A 629 4.84 -31.27 8.57
CA ALA A 629 5.71 -31.69 9.68
C ALA A 629 5.12 -32.81 10.56
N ASP A 630 4.02 -33.42 10.12
CA ASP A 630 3.33 -34.46 10.90
C ASP A 630 4.25 -35.62 11.27
N LYS A 631 5.00 -36.12 10.29
CA LYS A 631 5.90 -37.24 10.51
C LYS A 631 7.06 -36.89 11.42
N ILE A 632 7.43 -35.61 11.44
CA ILE A 632 8.52 -35.14 12.29
C ILE A 632 8.08 -35.14 13.75
N ILE A 633 6.90 -34.57 14.00
CA ILE A 633 6.26 -34.61 15.31
C ILE A 633 6.04 -36.05 15.77
N ASP A 634 5.52 -36.87 14.86
CA ASP A 634 5.18 -38.26 15.15
C ASP A 634 6.38 -39.15 15.42
N LYS A 635 7.55 -38.74 14.93
CA LYS A 635 8.77 -39.48 15.17
C LYS A 635 9.21 -39.38 16.61
N VAL A 636 8.90 -38.27 17.27
CA VAL A 636 9.16 -38.17 18.70
C VAL A 636 7.93 -38.62 19.50
N GLY A 637 6.74 -38.35 18.97
CA GLY A 637 5.49 -38.69 19.64
C GLY A 637 4.95 -37.52 20.44
N GLU A 638 3.68 -37.18 20.20
CA GLU A 638 3.04 -36.05 20.87
C GLU A 638 3.09 -36.11 22.40
N SER A 639 2.98 -37.32 22.97
CA SER A 639 2.97 -37.48 24.42
C SER A 639 4.30 -37.11 25.10
N LYS A 640 5.36 -36.96 24.30
CA LYS A 640 6.66 -36.54 24.82
C LYS A 640 6.75 -35.03 25.07
N PHE A 641 5.80 -34.27 24.54
CA PHE A 641 5.81 -32.80 24.66
C PHE A 641 5.06 -32.31 25.89
N ARG A 642 5.67 -31.36 26.61
CA ARG A 642 5.10 -30.81 27.83
C ARG A 642 3.88 -29.93 27.55
N ASP A 643 3.99 -29.12 26.50
CA ASP A 643 2.96 -28.17 26.10
C ASP A 643 3.19 -27.77 24.64
N THR A 644 2.30 -26.92 24.12
CA THR A 644 2.39 -26.47 22.73
C THR A 644 3.76 -25.83 22.44
N ASN A 645 4.20 -24.95 23.33
CA ASN A 645 5.45 -24.24 23.14
C ASN A 645 6.63 -25.19 22.99
N HIS A 646 6.55 -26.35 23.66
CA HIS A 646 7.60 -27.37 23.56
C HIS A 646 7.77 -27.93 22.13
N TRP A 647 6.67 -28.35 21.49
CA TRP A 647 6.81 -28.81 20.08
C TRP A 647 7.11 -27.68 19.10
N VAL A 648 6.65 -26.47 19.41
CA VAL A 648 7.00 -25.28 18.58
C VAL A 648 8.51 -25.04 18.61
N ASP A 649 9.09 -25.11 19.81
CA ASP A 649 10.56 -25.08 19.98
C ASP A 649 11.24 -26.15 19.15
N PHE A 650 10.72 -27.37 19.23
CA PHE A 650 11.31 -28.51 18.54
C PHE A 650 11.31 -28.31 17.03
N LEU A 651 10.17 -27.88 16.49
CA LEU A 651 10.06 -27.61 15.05
C LEU A 651 10.93 -26.44 14.62
N ASP A 652 11.05 -25.43 15.49
CA ASP A 652 11.89 -24.27 15.23
C ASP A 652 13.35 -24.71 15.13
N LYS A 653 13.78 -25.53 16.08
CA LYS A 653 15.12 -26.12 16.08
C LYS A 653 15.35 -27.00 14.85
N PHE A 654 14.38 -27.83 14.51
CA PHE A 654 14.48 -28.68 13.32
C PHE A 654 14.61 -27.86 12.03
N ALA A 655 13.84 -26.77 11.94
CA ALA A 655 13.88 -25.91 10.77
C ALA A 655 15.24 -25.22 10.64
N ARG A 656 15.72 -24.65 11.73
CA ARG A 656 16.96 -23.89 11.74
C ARG A 656 18.22 -24.76 11.62
N GLU A 657 18.21 -25.94 12.24
CA GLU A 657 19.43 -26.75 12.31
C GLU A 657 19.51 -27.86 11.26
N ARG A 658 18.37 -28.24 10.70
CA ARG A 658 18.34 -29.36 9.75
C ARG A 658 17.81 -28.94 8.38
N MET A 659 16.64 -28.31 8.36
CA MET A 659 15.95 -27.94 7.13
C MET A 659 16.72 -26.91 6.33
N GLU A 660 17.10 -25.82 7.00
CA GLU A 660 17.71 -24.67 6.34
C GLU A 660 19.11 -24.98 5.80
N PRO A 661 19.96 -25.71 6.57
CA PRO A 661 21.23 -26.14 5.96
C PRO A 661 21.03 -27.02 4.72
N ALA A 662 20.02 -27.89 4.74
CA ALA A 662 19.72 -28.72 3.57
C ALA A 662 19.23 -27.86 2.42
N ILE A 663 18.40 -26.87 2.73
CA ILE A 663 17.87 -25.97 1.72
C ILE A 663 19.03 -25.18 1.09
N ASP A 664 19.94 -24.70 1.92
CA ASP A 664 21.08 -23.92 1.48
C ASP A 664 21.98 -24.73 0.55
N ARG A 665 22.26 -26.00 0.89
CA ARG A 665 23.06 -26.88 0.04
C ARG A 665 22.41 -27.09 -1.34
N GLY A 666 21.09 -27.29 -1.33
CA GLY A 666 20.33 -27.43 -2.57
C GLY A 666 20.43 -26.20 -3.47
N PHE A 667 20.34 -25.01 -2.87
CA PHE A 667 20.45 -23.77 -3.65
C PHE A 667 21.87 -23.48 -4.12
N ARG A 668 22.89 -23.82 -3.32
CA ARG A 668 24.28 -23.63 -3.77
C ARG A 668 24.56 -24.48 -5.01
N GLU A 669 24.04 -25.71 -5.02
CA GLU A 669 24.18 -26.57 -6.19
C GLU A 669 23.49 -25.96 -7.41
N MET A 670 22.32 -25.36 -7.20
CA MET A 670 21.59 -24.73 -8.29
C MET A 670 22.35 -23.53 -8.85
N CYS A 671 22.94 -22.73 -7.96
CA CYS A 671 23.79 -21.60 -8.33
C CYS A 671 24.96 -22.03 -9.21
N GLU A 672 25.62 -23.12 -8.83
CA GLU A 672 26.73 -23.68 -9.61
C GLU A 672 26.25 -24.19 -10.97
N TYR A 673 25.09 -24.86 -10.97
CA TYR A 673 24.46 -25.37 -12.19
C TYR A 673 24.21 -24.26 -13.21
N MET A 674 23.62 -23.16 -12.75
CA MET A 674 23.39 -21.98 -13.57
C MET A 674 24.62 -21.06 -13.71
N ASN A 675 25.74 -21.45 -13.08
CA ASN A 675 26.99 -20.66 -13.07
C ASN A 675 26.76 -19.21 -12.63
N ASN A 676 25.93 -19.00 -11.62
CA ASN A 676 25.56 -17.63 -11.25
C ASN A 676 26.70 -16.88 -10.57
N LYS A 677 26.57 -15.56 -10.53
CA LYS A 677 27.63 -14.69 -10.01
C LYS A 677 27.80 -14.84 -8.51
N GLN A 678 26.69 -14.94 -7.78
CA GLN A 678 26.71 -15.01 -6.31
C GLN A 678 25.46 -15.74 -5.79
N HIS A 679 25.66 -16.67 -4.86
CA HIS A 679 24.56 -17.39 -4.23
C HIS A 679 23.79 -16.47 -3.28
N LEU A 680 22.54 -16.20 -3.62
CA LEU A 680 21.73 -15.28 -2.82
C LEU A 680 20.33 -15.81 -2.56
N MET A 681 20.12 -17.09 -2.84
CA MET A 681 18.82 -17.72 -2.57
C MET A 681 18.78 -18.12 -1.10
N PHE A 682 18.17 -17.25 -0.28
CA PHE A 682 18.09 -17.51 1.15
C PHE A 682 16.64 -17.75 1.55
N MET A 683 16.31 -19.02 1.75
CA MET A 683 14.94 -19.43 2.01
C MET A 683 14.80 -19.77 3.48
N ASP A 684 14.41 -18.76 4.26
CA ASP A 684 14.32 -18.90 5.71
C ASP A 684 12.92 -19.29 6.14
N ARG A 685 12.85 -19.99 7.26
CA ARG A 685 11.57 -20.41 7.84
C ARG A 685 10.69 -19.20 8.12
N GLU A 686 9.43 -19.29 7.69
CA GLU A 686 8.43 -18.25 7.94
C GLU A 686 7.60 -18.68 9.15
N ALA A 687 6.69 -19.64 8.95
CA ALA A 687 5.69 -19.99 9.96
C ALA A 687 5.86 -21.39 10.52
N ILE A 688 5.57 -21.54 11.82
CA ILE A 688 5.38 -22.85 12.45
C ILE A 688 3.94 -22.93 12.92
N ALA A 689 3.21 -23.91 12.36
CA ALA A 689 1.76 -24.00 12.50
C ALA A 689 1.30 -25.37 12.97
N GLY A 690 0.22 -25.37 13.74
CA GLY A 690 -0.37 -26.61 14.25
C GLY A 690 -1.45 -26.34 15.28
N PRO A 691 -2.24 -27.38 15.63
CA PRO A 691 -3.26 -27.19 16.65
C PRO A 691 -2.65 -27.10 18.06
N PRO A 692 -3.37 -26.48 19.01
CA PRO A 692 -2.86 -26.47 20.39
C PRO A 692 -2.71 -27.92 20.89
N LEU A 693 -1.65 -28.20 21.64
CA LEU A 693 -1.38 -29.56 22.12
C LEU A 693 -2.57 -30.10 22.90
N GLY A 694 -2.96 -31.34 22.58
CA GLY A 694 -4.06 -32.01 23.25
C GLY A 694 -5.46 -31.62 22.78
N SER A 695 -5.55 -30.68 21.85
CA SER A 695 -6.85 -30.23 21.35
C SER A 695 -7.37 -31.10 20.20
N LYS A 696 -8.58 -30.81 19.76
CA LYS A 696 -9.14 -31.43 18.54
C LYS A 696 -9.09 -30.48 17.34
N GLY A 697 -8.32 -29.39 17.46
CA GLY A 697 -8.14 -28.46 16.33
C GLY A 697 -7.42 -29.13 15.17
N ILE A 698 -7.68 -28.65 13.95
CA ILE A 698 -7.12 -29.32 12.78
C ILE A 698 -5.78 -28.71 12.31
N GLY A 699 -5.40 -27.58 12.89
CA GLY A 699 -4.13 -26.92 12.58
C GLY A 699 -4.19 -25.98 11.38
N GLY A 700 -4.59 -26.51 10.24
CA GLY A 700 -4.65 -25.73 9.00
C GLY A 700 -5.44 -26.45 7.93
N PHE A 701 -5.72 -25.73 6.84
CA PHE A 701 -6.33 -26.35 5.65
C PHE A 701 -6.07 -25.51 4.40
N TRP A 702 -6.11 -26.17 3.24
CA TRP A 702 -6.04 -25.53 1.93
C TRP A 702 -7.30 -25.91 1.18
N THR A 703 -7.92 -24.96 0.49
CA THR A 703 -9.02 -25.27 -0.44
C THR A 703 -8.53 -25.31 -1.89
N GLY A 704 -7.44 -24.61 -2.16
CA GLY A 704 -6.95 -24.43 -3.53
C GLY A 704 -5.76 -23.51 -3.57
N LYS A 705 -5.33 -23.17 -4.78
CA LYS A 705 -4.23 -22.22 -4.95
C LYS A 705 -4.62 -20.87 -4.32
N LYS A 706 -3.71 -20.31 -3.54
CA LYS A 706 -3.89 -18.96 -2.94
C LYS A 706 -5.09 -18.89 -1.98
N ARG A 707 -5.46 -20.04 -1.40
CA ARG A 707 -6.60 -20.14 -0.48
C ARG A 707 -6.30 -21.13 0.65
N TYR A 708 -5.89 -20.60 1.80
CA TYR A 708 -5.52 -21.44 2.93
C TYR A 708 -5.58 -20.71 4.26
N ALA A 709 -5.49 -21.48 5.35
CA ALA A 709 -5.50 -20.95 6.70
C ALA A 709 -4.60 -21.80 7.61
N LEU A 710 -3.81 -21.14 8.45
CA LEU A 710 -2.88 -21.82 9.37
C LEU A 710 -2.96 -21.19 10.76
N ASN A 711 -2.87 -22.04 11.78
CA ASN A 711 -2.78 -21.59 13.16
C ASN A 711 -1.31 -21.49 13.56
N VAL A 712 -0.81 -20.26 13.58
CA VAL A 712 0.63 -19.99 13.65
C VAL A 712 1.05 -19.62 15.06
N TRP A 713 2.14 -20.24 15.52
CA TRP A 713 2.70 -19.99 16.84
C TRP A 713 3.94 -19.14 16.81
N ASP A 714 4.62 -19.15 15.68
CA ASP A 714 5.87 -18.43 15.50
C ASP A 714 5.97 -18.03 14.04
N MET A 715 6.20 -16.74 13.82
CA MET A 715 6.27 -16.16 12.49
C MET A 715 7.57 -15.37 12.40
N GLU A 716 8.49 -15.84 11.55
CA GLU A 716 9.80 -15.20 11.33
C GLU A 716 10.54 -14.85 12.63
N GLY A 717 10.44 -15.72 13.64
CA GLY A 717 11.17 -15.54 14.87
C GLY A 717 10.41 -14.80 15.95
N THR A 718 9.17 -14.40 15.65
CA THR A 718 8.30 -13.83 16.67
C THR A 718 7.44 -14.92 17.29
N ARG A 719 7.69 -15.20 18.56
CA ARG A 719 6.92 -16.22 19.29
C ARG A 719 5.72 -15.56 19.96
N TYR A 720 4.51 -15.86 19.46
CA TYR A 720 3.32 -15.14 19.90
C TYR A 720 2.89 -15.54 21.29
N ALA A 721 2.40 -14.57 22.06
CA ALA A 721 1.78 -14.87 23.35
C ALA A 721 0.53 -15.71 23.13
N GLU A 722 -0.21 -15.39 22.07
CA GLU A 722 -1.41 -16.12 21.66
C GLU A 722 -1.32 -16.51 20.18
N PRO A 723 -1.78 -17.71 19.82
CA PRO A 723 -1.70 -18.16 18.41
C PRO A 723 -2.40 -17.17 17.49
N LYS A 724 -1.82 -16.93 16.32
CA LYS A 724 -2.40 -16.03 15.32
C LYS A 724 -2.77 -16.80 14.07
N LEU A 725 -3.92 -16.47 13.48
CA LEU A 725 -4.31 -17.09 12.22
C LEU A 725 -3.62 -16.43 11.03
N LYS A 726 -2.92 -17.23 10.23
CA LYS A 726 -2.47 -16.75 8.93
C LYS A 726 -3.48 -17.25 7.90
N ILE A 727 -4.31 -16.33 7.41
CA ILE A 727 -5.34 -16.70 6.44
C ILE A 727 -5.04 -15.96 5.16
N MET A 728 -4.97 -16.69 4.05
CA MET A 728 -4.71 -16.06 2.76
C MET A 728 -5.81 -16.41 1.77
N GLY A 729 -6.33 -15.37 1.10
CA GLY A 729 -7.24 -15.54 -0.04
C GLY A 729 -8.68 -15.80 0.29
N LEU A 730 -8.93 -16.46 1.43
CA LEU A 730 -10.30 -16.78 1.87
C LEU A 730 -11.09 -15.52 2.14
N GLU A 731 -12.41 -15.67 2.21
CA GLU A 731 -13.34 -14.54 2.22
C GLU A 731 -13.11 -13.58 3.37
N THR A 732 -12.51 -14.07 4.46
CA THR A 732 -12.18 -13.22 5.61
C THR A 732 -11.20 -12.11 5.22
N GLN A 733 -10.47 -12.32 4.13
CA GLN A 733 -9.39 -11.43 3.69
C GLN A 733 -9.81 -10.46 2.59
N LYS A 734 -11.06 -10.58 2.13
CA LYS A 734 -11.51 -9.80 0.97
C LYS A 734 -12.38 -8.63 1.40
N SER A 735 -12.06 -7.43 0.88
CA SER A 735 -12.85 -6.24 1.17
C SER A 735 -14.30 -6.32 0.68
N SER A 736 -14.56 -7.20 -0.29
CA SER A 736 -15.91 -7.39 -0.82
C SER A 736 -16.84 -8.14 0.14
N THR A 737 -16.26 -8.90 1.05
CA THR A 737 -17.03 -9.68 2.04
C THR A 737 -17.58 -8.78 3.15
N PRO A 738 -18.89 -8.91 3.48
CA PRO A 738 -19.49 -8.10 4.56
C PRO A 738 -18.69 -8.19 5.86
N LYS A 739 -18.57 -7.05 6.55
CA LYS A 739 -17.78 -6.96 7.78
C LYS A 739 -18.13 -8.01 8.84
N ALA A 740 -19.42 -8.17 9.12
CA ALA A 740 -19.86 -9.10 10.14
C ALA A 740 -19.64 -10.54 9.68
N VAL A 741 -19.66 -10.77 8.37
CA VAL A 741 -19.41 -12.09 7.80
C VAL A 741 -17.93 -12.46 7.83
N GLN A 742 -17.06 -11.50 7.53
CA GLN A 742 -15.62 -11.69 7.72
C GLN A 742 -15.37 -12.17 9.14
N LYS A 743 -15.98 -11.48 10.11
CA LYS A 743 -15.80 -11.76 11.54
C LYS A 743 -16.26 -13.17 11.90
N ALA A 744 -17.45 -13.54 11.43
CA ALA A 744 -18.03 -14.85 11.71
C ALA A 744 -17.25 -15.97 11.03
N LEU A 745 -16.88 -15.77 9.77
CA LEU A 745 -16.05 -16.73 9.05
C LEU A 745 -14.69 -16.92 9.71
N LYS A 746 -14.11 -15.82 10.20
CA LYS A 746 -12.82 -15.89 10.92
C LYS A 746 -12.94 -16.72 12.19
N GLU A 747 -14.05 -16.54 12.91
CA GLU A 747 -14.28 -17.32 14.13
C GLU A 747 -14.52 -18.81 13.81
N CYS A 748 -15.21 -19.09 12.70
CA CYS A 748 -15.40 -20.49 12.27
C CYS A 748 -14.05 -21.15 11.99
N ILE A 749 -13.20 -20.45 11.25
CA ILE A 749 -11.85 -20.92 10.97
C ILE A 749 -11.04 -21.08 12.26
N ARG A 750 -11.12 -20.10 13.17
CA ARG A 750 -10.37 -20.22 14.43
C ARG A 750 -10.79 -21.50 15.14
N ARG A 751 -12.11 -21.72 15.22
CA ARG A 751 -12.62 -22.90 15.88
C ARG A 751 -12.19 -24.20 15.20
N MET A 752 -12.25 -24.23 13.87
CA MET A 752 -11.76 -25.39 13.09
C MET A 752 -10.30 -25.71 13.43
N LEU A 753 -9.44 -24.71 13.35
CA LEU A 753 -8.00 -24.88 13.53
C LEU A 753 -7.56 -25.11 14.97
N GLN A 754 -8.28 -24.52 15.92
CA GLN A 754 -7.82 -24.55 17.32
C GLN A 754 -8.60 -25.50 18.22
N GLU A 755 -9.88 -25.74 17.91
CA GLU A 755 -10.79 -26.44 18.82
C GLU A 755 -11.44 -27.68 18.20
N GLY A 756 -11.78 -27.62 16.92
CA GLY A 756 -12.28 -28.80 16.23
C GLY A 756 -13.70 -28.72 15.73
N GLU A 757 -14.20 -29.86 15.26
CA GLU A 757 -15.48 -29.96 14.57
C GLU A 757 -16.69 -29.58 15.44
N GLU A 758 -16.75 -30.10 16.66
CA GLU A 758 -17.87 -29.81 17.55
C GLU A 758 -18.00 -28.32 17.84
N SER A 759 -16.86 -27.69 18.13
CA SER A 759 -16.84 -26.25 18.39
C SER A 759 -17.36 -25.44 17.20
N LEU A 760 -16.95 -25.82 16.00
CA LEU A 760 -17.43 -25.18 14.77
C LEU A 760 -18.95 -25.27 14.64
N GLN A 761 -19.49 -26.45 14.90
CA GLN A 761 -20.93 -26.69 14.75
C GLN A 761 -21.75 -25.85 15.73
N GLU A 762 -21.22 -25.69 16.95
CA GLU A 762 -21.86 -24.88 17.97
C GLU A 762 -21.95 -23.41 17.51
N TYR A 763 -20.86 -22.89 16.97
CA TYR A 763 -20.83 -21.49 16.50
C TYR A 763 -21.71 -21.23 15.29
N PHE A 764 -21.64 -22.11 14.30
CA PHE A 764 -22.46 -21.97 13.12
C PHE A 764 -23.94 -21.89 13.50
N LYS A 765 -24.39 -22.84 14.32
CA LYS A 765 -25.79 -22.93 14.73
C LYS A 765 -26.25 -21.62 15.37
N GLU A 766 -25.38 -21.04 16.22
CA GLU A 766 -25.68 -19.77 16.85
C GLU A 766 -25.72 -18.61 15.85
N PHE A 767 -24.70 -18.51 15.00
CA PHE A 767 -24.64 -17.42 14.01
C PHE A 767 -25.88 -17.40 13.11
N GLU A 768 -26.24 -18.58 12.60
CA GLU A 768 -27.39 -18.75 11.70
C GLU A 768 -28.67 -18.30 12.37
N LYS A 769 -28.76 -18.56 13.67
CA LYS A 769 -29.91 -18.21 14.47
C LYS A 769 -30.02 -16.70 14.69
N GLU A 770 -28.89 -16.02 14.83
CA GLU A 770 -28.90 -14.62 15.30
C GLU A 770 -28.63 -13.55 14.23
N PHE A 771 -28.19 -13.96 13.06
CA PHE A 771 -27.60 -13.01 12.11
C PHE A 771 -28.56 -11.94 11.56
N ARG A 772 -29.87 -12.21 11.62
CA ARG A 772 -30.87 -11.26 11.13
C ARG A 772 -30.92 -9.96 11.94
N GLN A 773 -30.30 -9.98 13.12
CA GLN A 773 -30.23 -8.81 14.00
C GLN A 773 -29.06 -7.90 13.67
N LEU A 774 -28.11 -8.40 12.87
CA LEU A 774 -26.92 -7.64 12.50
C LEU A 774 -27.28 -6.41 11.69
N ASN A 775 -26.62 -5.30 12.00
CA ASN A 775 -26.84 -4.03 11.32
C ASN A 775 -26.63 -4.18 9.81
N TYR A 776 -27.52 -3.57 9.04
CA TYR A 776 -27.53 -3.75 7.58
C TYR A 776 -26.20 -3.44 6.89
N ILE A 777 -25.46 -2.47 7.41
CA ILE A 777 -24.15 -2.10 6.83
C ILE A 777 -23.14 -3.24 7.05
N SER A 778 -23.21 -3.88 8.22
CA SER A 778 -22.30 -4.97 8.58
C SER A 778 -22.51 -6.24 7.76
N ILE A 779 -23.67 -6.34 7.10
CA ILE A 779 -23.97 -7.54 6.30
C ILE A 779 -24.08 -7.26 4.79
N ALA A 780 -23.77 -6.01 4.41
CA ALA A 780 -23.74 -5.61 3.01
C ALA A 780 -22.41 -5.99 2.36
N SER A 781 -22.48 -6.47 1.13
CA SER A 781 -21.31 -6.75 0.31
C SER A 781 -20.74 -5.42 -0.18
N VAL A 782 -19.49 -5.45 -0.66
CA VAL A 782 -18.83 -4.24 -1.16
C VAL A 782 -18.23 -4.53 -2.53
N SER A 783 -18.33 -3.56 -3.45
CA SER A 783 -17.66 -3.67 -4.73
C SER A 783 -17.31 -2.30 -5.27
N SER A 784 -16.20 -2.23 -6.01
CA SER A 784 -15.92 -1.07 -6.87
C SER A 784 -16.99 -1.02 -7.95
N ALA A 785 -17.35 0.18 -8.38
CA ALA A 785 -18.39 0.36 -9.38
C ALA A 785 -17.86 1.10 -10.60
N ASN A 786 -17.38 0.34 -11.58
CA ASN A 786 -16.90 0.91 -12.83
C ASN A 786 -17.91 0.71 -13.94
N ASN A 787 -17.91 1.65 -14.89
CA ASN A 787 -18.74 1.58 -16.11
C ASN A 787 -20.25 1.58 -15.86
N ILE A 788 -20.69 2.36 -14.89
CA ILE A 788 -22.12 2.47 -14.60
C ILE A 788 -22.91 2.85 -15.86
N ALA A 789 -22.37 3.79 -16.63
CA ALA A 789 -23.00 4.29 -17.86
C ALA A 789 -23.19 3.23 -18.94
N LYS A 790 -22.18 2.38 -19.14
CA LYS A 790 -22.21 1.33 -20.18
C LYS A 790 -23.44 0.42 -20.05
N TYR A 791 -23.75 0.04 -18.81
CA TYR A 791 -24.79 -0.94 -18.54
C TYR A 791 -26.13 -0.30 -18.22
N ASP A 792 -26.19 1.01 -18.35
CA ASP A 792 -27.42 1.76 -18.10
C ASP A 792 -28.17 2.01 -19.41
N VAL A 793 -29.37 1.43 -19.50
CA VAL A 793 -30.23 1.57 -20.68
C VAL A 793 -31.60 2.10 -20.21
N GLY A 794 -31.78 3.42 -20.30
CA GLY A 794 -32.99 4.08 -19.83
C GLY A 794 -33.26 3.88 -18.35
N GLY A 795 -32.19 3.81 -17.56
CA GLY A 795 -32.30 3.60 -16.11
C GLY A 795 -32.42 2.15 -15.69
N PHE A 796 -32.39 1.24 -16.66
CA PHE A 796 -32.51 -0.19 -16.41
C PHE A 796 -31.26 -0.96 -16.86
N PRO A 797 -31.04 -2.17 -16.31
CA PRO A 797 -29.84 -2.96 -16.63
C PRO A 797 -29.79 -3.41 -18.10
N GLY A 798 -28.67 -3.12 -18.75
CA GLY A 798 -28.43 -3.61 -20.10
C GLY A 798 -27.93 -5.04 -20.11
N PRO A 799 -27.61 -5.58 -21.31
CA PRO A 799 -27.10 -6.94 -21.42
C PRO A 799 -25.82 -7.12 -20.60
N LYS A 800 -25.72 -8.25 -19.90
CA LYS A 800 -24.52 -8.62 -19.13
C LYS A 800 -24.22 -7.66 -17.97
N CYS A 801 -25.22 -6.92 -17.51
CA CYS A 801 -25.05 -5.98 -16.40
C CYS A 801 -24.61 -6.69 -15.12
N PRO A 802 -23.45 -6.28 -14.56
CA PRO A 802 -23.02 -6.88 -13.31
C PRO A 802 -24.01 -6.66 -12.16
N PHE A 803 -23.97 -7.56 -11.19
CA PHE A 803 -24.89 -7.54 -10.05
C PHE A 803 -24.83 -6.23 -9.29
N HIS A 804 -23.61 -5.74 -9.02
CA HIS A 804 -23.45 -4.48 -8.27
C HIS A 804 -23.88 -3.24 -9.04
N ILE A 805 -23.78 -3.30 -10.37
CA ILE A 805 -24.23 -2.19 -11.23
C ILE A 805 -25.74 -2.18 -11.29
N ARG A 806 -26.34 -3.36 -11.41
CA ARG A 806 -27.79 -3.52 -11.28
C ARG A 806 -28.28 -2.85 -9.99
N GLY A 807 -27.59 -3.12 -8.88
CA GLY A 807 -27.91 -2.50 -7.60
C GLY A 807 -27.90 -0.98 -7.65
N ILE A 808 -26.90 -0.43 -8.34
CA ILE A 808 -26.74 1.01 -8.45
C ILE A 808 -27.87 1.64 -9.26
N LEU A 809 -28.24 0.99 -10.36
CA LEU A 809 -29.36 1.45 -11.18
C LEU A 809 -30.67 1.44 -10.40
N THR A 810 -30.90 0.38 -9.63
CA THR A 810 -32.05 0.30 -8.72
C THR A 810 -32.07 1.50 -7.78
N TYR A 811 -30.92 1.83 -7.21
CA TYR A 811 -30.74 3.00 -6.34
C TYR A 811 -31.07 4.29 -7.09
N ASN A 812 -30.52 4.45 -8.29
CA ASN A 812 -30.75 5.65 -9.08
C ASN A 812 -32.23 5.94 -9.38
N ARG A 813 -33.01 4.91 -9.70
CA ARG A 813 -34.46 5.06 -9.90
C ARG A 813 -35.17 5.45 -8.61
N ALA A 814 -34.73 4.85 -7.50
CA ALA A 814 -35.33 5.10 -6.19
C ALA A 814 -35.10 6.51 -5.66
N ILE A 815 -33.99 7.14 -6.06
CA ILE A 815 -33.69 8.52 -5.64
C ILE A 815 -33.94 9.55 -6.74
N LYS A 816 -34.39 9.08 -7.91
CA LYS A 816 -34.57 9.92 -9.08
C LYS A 816 -35.34 11.19 -8.75
N GLY A 817 -34.85 12.32 -9.27
CA GLY A 817 -35.49 13.61 -9.06
C GLY A 817 -34.88 14.40 -7.93
N ASN A 818 -34.25 13.70 -6.99
CA ASN A 818 -33.58 14.34 -5.86
C ASN A 818 -32.23 14.94 -6.23
N ILE A 819 -32.16 16.26 -6.13
CA ILE A 819 -30.90 16.99 -6.33
C ILE A 819 -30.00 16.80 -5.10
N ASP A 820 -30.60 16.42 -3.97
CA ASP A 820 -29.94 16.34 -2.68
C ASP A 820 -29.34 14.98 -2.32
N ALA A 821 -29.96 13.90 -2.83
CA ALA A 821 -29.54 12.52 -2.53
C ALA A 821 -28.07 12.29 -2.90
N PRO A 822 -27.35 11.49 -2.08
CA PRO A 822 -25.98 11.14 -2.46
C PRO A 822 -25.97 10.33 -3.75
N GLN A 823 -25.20 10.80 -4.73
CA GLN A 823 -25.03 10.05 -5.97
C GLN A 823 -23.90 9.06 -5.80
N VAL A 824 -24.06 7.90 -6.44
CA VAL A 824 -22.98 6.94 -6.58
C VAL A 824 -21.96 7.53 -7.55
N VAL A 825 -20.70 7.54 -7.13
CA VAL A 825 -19.61 8.08 -7.94
C VAL A 825 -18.93 6.97 -8.74
N GLU A 826 -18.86 7.19 -10.06
CA GLU A 826 -18.16 6.29 -10.98
C GLU A 826 -16.75 5.97 -10.48
N GLY A 827 -16.44 4.68 -10.39
CA GLY A 827 -15.11 4.23 -9.97
C GLY A 827 -14.91 4.10 -8.47
N GLU A 828 -15.88 4.57 -7.69
CA GLU A 828 -15.79 4.46 -6.24
C GLU A 828 -16.48 3.17 -5.76
N LYS A 829 -16.58 2.97 -4.46
CA LYS A 829 -17.13 1.72 -3.93
C LYS A 829 -18.56 1.86 -3.44
N VAL A 830 -19.31 0.76 -3.50
CA VAL A 830 -20.68 0.75 -3.03
C VAL A 830 -20.91 -0.41 -2.08
N TYR A 831 -21.86 -0.23 -1.17
CA TYR A 831 -22.47 -1.34 -0.45
C TYR A 831 -23.56 -1.96 -1.31
N VAL A 832 -23.73 -3.27 -1.25
CA VAL A 832 -24.73 -3.98 -2.04
C VAL A 832 -25.54 -4.92 -1.15
N LEU A 833 -26.86 -4.81 -1.22
CA LEU A 833 -27.77 -5.75 -0.57
C LEU A 833 -28.73 -6.39 -1.58
N PRO A 834 -29.02 -7.70 -1.40
CA PRO A 834 -30.07 -8.33 -2.19
C PRO A 834 -31.44 -7.96 -1.65
N LEU A 835 -32.44 -8.02 -2.52
CA LEU A 835 -33.81 -7.64 -2.19
C LEU A 835 -34.77 -8.79 -2.44
N ARG A 836 -35.73 -8.97 -1.53
CA ARG A 836 -36.71 -10.05 -1.65
C ARG A 836 -37.66 -9.82 -2.83
N GLU A 837 -38.10 -10.91 -3.44
CA GLU A 837 -39.10 -10.90 -4.52
C GLU A 837 -40.29 -10.00 -4.17
N GLY A 838 -40.70 -9.15 -5.11
CA GLY A 838 -41.89 -8.32 -4.93
C GLY A 838 -41.67 -7.06 -4.14
N ASN A 839 -40.41 -6.66 -4.00
CA ASN A 839 -40.03 -5.40 -3.35
C ASN A 839 -40.40 -4.19 -4.21
N PRO A 840 -40.62 -3.01 -3.59
CA PRO A 840 -41.06 -1.82 -4.33
C PRO A 840 -39.95 -1.16 -5.17
N PHE A 841 -38.72 -1.64 -5.07
CA PHE A 841 -37.62 -1.12 -5.88
C PHE A 841 -37.59 -1.76 -7.26
N GLY A 842 -38.37 -2.82 -7.44
CA GLY A 842 -38.53 -3.48 -8.74
C GLY A 842 -37.31 -4.22 -9.27
N ASP A 843 -36.41 -4.62 -8.38
CA ASP A 843 -35.26 -5.45 -8.77
C ASP A 843 -34.66 -6.22 -7.60
N LYS A 844 -33.72 -7.12 -7.91
CA LYS A 844 -33.24 -8.11 -6.96
C LYS A 844 -32.13 -7.64 -6.01
N CYS A 845 -31.68 -6.40 -6.19
CA CYS A 845 -30.66 -5.83 -5.33
C CYS A 845 -30.61 -4.30 -5.43
N ILE A 846 -29.99 -3.69 -4.43
CA ILE A 846 -29.77 -2.25 -4.37
C ILE A 846 -28.35 -1.96 -3.87
N ALA A 847 -27.78 -0.86 -4.33
CA ALA A 847 -26.43 -0.50 -3.97
C ALA A 847 -26.38 1.00 -3.67
N TRP A 848 -25.53 1.39 -2.72
CA TRP A 848 -25.40 2.80 -2.37
C TRP A 848 -23.94 3.12 -1.95
N PRO A 849 -23.57 4.42 -1.89
CA PRO A 849 -22.16 4.74 -1.62
C PRO A 849 -21.64 4.07 -0.35
N SER A 850 -20.47 3.44 -0.44
CA SER A 850 -19.90 2.72 0.70
C SER A 850 -19.40 3.71 1.75
N GLY A 851 -19.30 3.26 3.00
CA GLY A 851 -18.93 4.12 4.14
C GLY A 851 -20.03 5.08 4.56
N THR A 852 -21.23 4.91 4.02
CA THR A 852 -22.35 5.78 4.35
C THR A 852 -23.61 5.00 4.72
N GLU A 853 -24.46 5.63 5.52
CA GLU A 853 -25.83 5.19 5.73
C GLU A 853 -26.61 5.47 4.46
N ILE A 854 -27.46 4.55 4.06
CA ILE A 854 -28.32 4.80 2.90
C ILE A 854 -29.31 5.92 3.25
N THR A 855 -29.66 6.75 2.27
CA THR A 855 -30.51 7.93 2.49
C THR A 855 -31.84 7.57 3.16
N ASP A 856 -32.23 8.38 4.15
CA ASP A 856 -33.44 8.10 4.94
C ASP A 856 -34.71 7.93 4.11
N LEU A 857 -34.70 8.55 2.92
CA LEU A 857 -35.76 8.38 1.91
C LEU A 857 -36.16 6.91 1.68
N ILE A 858 -35.17 6.03 1.57
CA ILE A 858 -35.41 4.62 1.23
C ILE A 858 -34.92 3.61 2.28
N LYS A 859 -34.18 4.10 3.27
CA LYS A 859 -33.60 3.22 4.30
C LYS A 859 -34.62 2.26 4.90
N ASP A 860 -35.79 2.78 5.30
CA ASP A 860 -36.79 1.94 5.92
CA ASP A 860 -36.82 1.96 5.92
C ASP A 860 -37.26 0.82 5.00
N ASP A 861 -37.40 1.13 3.71
CA ASP A 861 -37.82 0.14 2.71
C ASP A 861 -36.73 -0.90 2.43
N VAL A 862 -35.49 -0.45 2.35
CA VAL A 862 -34.37 -1.39 2.18
C VAL A 862 -34.32 -2.38 3.33
N LEU A 863 -34.35 -1.85 4.56
CA LEU A 863 -34.35 -2.69 5.77
C LEU A 863 -35.49 -3.71 5.79
N HIS A 864 -36.67 -3.26 5.36
CA HIS A 864 -37.86 -4.11 5.30
C HIS A 864 -37.76 -5.19 4.22
N TRP A 865 -37.12 -4.87 3.11
CA TRP A 865 -37.07 -5.78 1.95
C TRP A 865 -35.76 -6.55 1.74
N MET A 866 -34.76 -6.23 2.56
CA MET A 866 -33.48 -6.97 2.60
C MET A 866 -33.69 -8.46 2.60
N ASP A 867 -32.98 -9.16 1.72
CA ASP A 867 -33.11 -10.62 1.65
C ASP A 867 -32.01 -11.28 2.47
N TYR A 868 -32.32 -11.56 3.74
CA TYR A 868 -31.36 -12.14 4.68
C TYR A 868 -30.94 -13.55 4.28
N THR A 869 -31.89 -14.33 3.76
CA THR A 869 -31.65 -15.72 3.35
C THR A 869 -30.60 -15.79 2.23
N VAL A 870 -30.77 -14.96 1.21
CA VAL A 870 -29.82 -14.92 0.09
C VAL A 870 -28.45 -14.46 0.59
N LEU A 871 -28.45 -13.38 1.36
CA LEU A 871 -27.26 -12.81 1.98
C LEU A 871 -26.47 -13.89 2.73
N LEU A 872 -27.15 -14.65 3.58
CA LEU A 872 -26.52 -15.71 4.36
C LEU A 872 -25.91 -16.80 3.47
N GLU A 873 -26.68 -17.27 2.50
CA GLU A 873 -26.22 -18.34 1.61
C GLU A 873 -25.02 -17.94 0.78
N LYS A 874 -25.05 -16.73 0.23
CA LYS A 874 -24.00 -16.30 -0.71
C LYS A 874 -22.71 -15.90 -0.03
N THR A 875 -22.80 -15.14 1.06
CA THR A 875 -21.60 -14.59 1.70
C THR A 875 -21.07 -15.47 2.82
N PHE A 876 -21.94 -16.25 3.47
CA PHE A 876 -21.53 -17.03 4.63
C PHE A 876 -21.51 -18.55 4.37
N ILE A 877 -22.67 -19.14 4.06
CA ILE A 877 -22.78 -20.59 3.94
C ILE A 877 -21.93 -21.16 2.80
N LYS A 878 -22.01 -20.55 1.63
CA LYS A 878 -21.22 -21.04 0.49
C LYS A 878 -19.71 -21.05 0.75
N PRO A 879 -19.11 -19.92 1.21
CA PRO A 879 -17.68 -20.01 1.57
C PRO A 879 -17.38 -21.01 2.68
N LEU A 880 -18.23 -21.10 3.70
CA LEU A 880 -18.03 -22.04 4.80
C LEU A 880 -18.08 -23.50 4.33
N GLU A 881 -19.04 -23.79 3.45
CA GLU A 881 -19.12 -25.08 2.78
C GLU A 881 -17.80 -25.41 2.04
N GLY A 882 -17.22 -24.41 1.39
CA GLY A 882 -15.91 -24.57 0.77
C GLY A 882 -14.81 -24.90 1.76
N PHE A 883 -14.76 -24.19 2.89
CA PHE A 883 -13.74 -24.46 3.92
C PHE A 883 -13.86 -25.87 4.48
N THR A 884 -15.08 -26.25 4.85
CA THR A 884 -15.32 -27.49 5.60
C THR A 884 -15.17 -28.74 4.74
N SER A 885 -15.65 -28.70 3.50
CA SER A 885 -15.45 -29.83 2.58
C SER A 885 -13.96 -30.02 2.30
N ALA A 886 -13.23 -28.91 2.17
CA ALA A 886 -11.78 -29.01 2.00
C ALA A 886 -11.11 -29.67 3.23
N ALA A 887 -11.54 -29.26 4.42
CA ALA A 887 -10.99 -29.77 5.68
C ALA A 887 -11.59 -31.12 6.11
N LYS A 888 -12.54 -31.63 5.33
CA LYS A 888 -13.22 -32.92 5.59
C LYS A 888 -13.91 -32.90 6.96
N LEU A 889 -14.82 -31.95 7.10
CA LEU A 889 -15.40 -31.57 8.37
C LEU A 889 -16.82 -31.12 8.09
N ASP A 890 -17.72 -31.30 9.04
CA ASP A 890 -19.11 -30.84 8.87
C ASP A 890 -19.46 -29.66 9.76
N TYR A 891 -20.07 -28.63 9.18
CA TYR A 891 -20.49 -27.48 9.96
C TYR A 891 -21.86 -27.69 10.63
N GLU A 892 -22.54 -28.77 10.24
CA GLU A 892 -23.78 -29.21 10.89
C GLU A 892 -23.65 -30.67 11.33
N LYS A 893 -24.09 -30.95 12.56
CA LYS A 893 -24.01 -32.30 13.10
C LYS A 893 -24.81 -33.32 12.28
N LYS A 894 -24.14 -34.37 11.83
CA LYS A 894 -24.77 -35.45 11.10
C LYS A 894 -25.48 -36.40 12.08
N ALA A 895 -26.51 -37.08 11.59
CA ALA A 895 -27.25 -38.05 12.40
C ALA A 895 -26.35 -39.22 12.79
N SER A 896 -26.59 -39.76 13.98
CA SER A 896 -25.85 -40.93 14.46
C SER A 896 -26.77 -41.92 15.17
N LEU A 897 -26.25 -43.12 15.45
CA LEU A 897 -27.00 -44.15 16.15
C LEU A 897 -27.38 -43.74 17.58
N PHE A 898 -26.57 -42.90 18.21
CA PHE A 898 -26.81 -42.40 19.56
C PHE A 898 -28.13 -41.62 19.74
N ASP A 899 -28.62 -41.04 18.65
CA ASP A 899 -29.89 -40.30 18.62
C ASP A 899 -31.09 -41.13 19.09
N MET A 900 -30.96 -42.46 19.04
CA MET A 900 -32.07 -43.37 19.35
C MET A 900 -32.29 -43.61 20.85
N PHE A 901 -31.66 -42.80 21.68
CA PHE A 901 -31.76 -42.92 23.13
C PHE A 901 -32.34 -41.68 23.79
N1 DOC C 13 2.35 -12.11 -4.83
C2 DOC C 13 2.52 -11.42 -6.06
N3 DOC C 13 2.14 -10.13 -6.17
C4 DOC C 13 1.58 -9.49 -5.13
C5 DOC C 13 1.41 -10.14 -3.90
C6 DOC C 13 1.81 -11.47 -3.77
O2 DOC C 13 3.08 -12.04 -7.14
N4 DOC C 13 1.20 -8.19 -5.27
C1' DOC C 13 2.79 -13.51 -4.75
C2' DOC C 13 4.29 -13.62 -4.53
C3' DOC C 13 4.47 -14.35 -3.21
C4' DOC C 13 3.12 -15.01 -2.98
O4' DOC C 13 2.16 -14.20 -3.67
C5' DOC C 13 2.76 -15.05 -1.50
O5' DOC C 13 1.58 -15.83 -1.50
P DOC C 13 0.58 -16.07 -0.26
OP1 DOC C 13 0.64 -17.56 0.01
OP2 DOC C 13 0.81 -15.06 0.84
PG DGT D . 10.14 -10.92 1.58
O1G DGT D . 9.61 -12.32 1.46
O2G DGT D . 11.58 -10.88 2.01
O3G DGT D . 9.28 -10.09 2.48
O3B DGT D . 10.11 -10.18 0.14
PB DGT D . 9.76 -10.83 -1.28
O1B DGT D . 10.26 -9.86 -2.33
O2B DGT D . 10.29 -12.24 -1.45
O3A DGT D . 8.16 -10.77 -1.42
PA DGT D . 7.09 -11.95 -1.53
O1A DGT D . 5.85 -11.35 -0.97
O2A DGT D . 7.49 -13.23 -0.82
O5' DGT D . 6.90 -12.18 -3.12
C5' DGT D . 7.81 -12.95 -3.87
C4' DGT D . 8.09 -12.23 -5.18
O4' DGT D . 6.86 -11.96 -5.86
C3' DGT D . 8.73 -10.87 -4.97
O3' DGT D . 10.13 -10.90 -4.79
C2' DGT D . 8.34 -10.18 -6.27
C1' DGT D . 6.93 -10.71 -6.52
N9 DGT D . 6.01 -9.73 -5.91
C8 DGT D . 5.34 -9.82 -4.70
N7 DGT D . 4.64 -8.67 -4.51
C5 DGT D . 4.87 -7.85 -5.58
C6 DGT D . 4.41 -6.58 -5.91
O6 DGT D . 3.67 -5.96 -5.16
N1 DGT D . 4.83 -6.00 -7.09
C2 DGT D . 5.68 -6.67 -7.95
N2 DGT D . 6.07 -6.12 -9.08
N3 DGT D . 6.12 -7.93 -7.61
C4 DGT D . 5.72 -8.52 -6.45
CA CA E . 9.69 -14.01 -0.15
CA CA F . 6.45 -15.59 -0.30
CA CA G . 3.88 -8.32 36.98
CA CA H . 11.74 -14.33 5.61
CA CA I . -16.14 18.49 5.22
#